data_4TF4
#
_entry.id   4TF4
#
_cell.length_a   145.680
_cell.length_b   145.680
_cell.length_c   157.080
_cell.angle_alpha   90.00
_cell.angle_beta   90.00
_cell.angle_gamma   90.00
#
_symmetry.space_group_name_H-M   'P 41 21 2'
#
loop_
_entity.id
_entity.type
_entity.pdbx_description
1 polymer 'T. FUSCA ENDO/EXO-CELLULASE E4 CATALYTIC DOMAIN AND CELLULOSE-BINDING DOMAIN'
2 branched beta-D-glucopyranose-(1-4)-beta-D-glucopyranose-(1-4)-beta-D-glucopyranose-(1-4)-alpha-D-glucopyranose
3 branched beta-D-glucopyranose-(1-4)-beta-D-glucopyranose
4 non-polymer 'CALCIUM ION'
5 water water
#
_entity_poly.entity_id   1
_entity_poly.type   'polypeptide(L)'
_entity_poly.pdbx_seq_one_letter_code
;EPAFNYAEALQKSMFFYEAQRSGKLPENNRVSWRGDSGLNDGADVGLDLTGGWYDAGDHVKFGFPMAFTATMLAWGAIES
PEGYIRSGQMPYLKDNLRWVNDYFIKAHPSPNVLYVQVGDGDADHKWWGPAEVMPMERPSFKVDPSCPGSDVAAETAAAM
AASSIVFADDDPAYAATLVQHAKQLYTFADTYRGVYSDCVPAGAFYNSWSGYQDELVWGAYWLYKATGDDSYLAKAEYEY
DFLSTEQQTDLRSYRWTIAWDDKSYGTYVLLAKETGKQKYIDDANRWLDYWTVGVNGQRVPYSPGGMAVLDTWGALRYAA
NTAFVALVYAKVIDDPVRKQRYHDFAVRQINYALGDNPRNSSYVVGFGNNPPRNPHHRTAHGSWTDSIASPAENRHVLYG
ALVGGPGSPNDAYTDDRQDYVANEVATDYNAGFSSALAMLVEEYGGTPLADFPPTEEPDGPEIFVEAQINTPGTTFTEIK
AMIRNQSGWPARMLDKGTFRYWFTLDEGVDPADITVSSAYNQCATPEDVHHVSGDLYYVEIDCTGEKIFPGGQSEHRREV
QFRIAGGPGWDPSNDWSFQGIGNELAPAPYIVLYDDGVPVWGTAP
;
_entity_poly.pdbx_strand_id   A,B
#
loop_
_chem_comp.id
_chem_comp.type
_chem_comp.name
_chem_comp.formula
BGC D-saccharide, beta linking beta-D-glucopyranose 'C6 H12 O6'
CA non-polymer 'CALCIUM ION' 'Ca 2'
GLC D-saccharide, alpha linking alpha-D-glucopyranose 'C6 H12 O6'
#
# COMPACT_ATOMS: atom_id res chain seq x y z
N GLU A 1 51.46 -22.74 22.87
CA GLU A 1 50.06 -22.65 23.34
C GLU A 1 49.53 -21.24 23.13
N PRO A 2 48.25 -21.11 22.74
CA PRO A 2 47.62 -19.81 22.49
C PRO A 2 47.54 -18.94 23.75
N ALA A 3 47.58 -17.63 23.56
CA ALA A 3 47.52 -16.68 24.68
C ALA A 3 46.18 -16.81 25.40
N PHE A 4 45.13 -17.04 24.62
CA PHE A 4 43.79 -17.21 25.17
C PHE A 4 43.23 -18.41 24.43
N ASN A 5 42.34 -19.13 25.08
CA ASN A 5 41.76 -20.30 24.46
C ASN A 5 40.70 -19.88 23.47
N TYR A 6 41.12 -19.67 22.23
CA TYR A 6 40.20 -19.27 21.16
C TYR A 6 39.08 -20.29 20.92
N ALA A 7 39.39 -21.57 21.07
CA ALA A 7 38.39 -22.62 20.86
C ALA A 7 37.23 -22.49 21.83
N GLU A 8 37.55 -22.16 23.09
CA GLU A 8 36.53 -21.98 24.12
C GLU A 8 35.68 -20.75 23.77
N ALA A 9 36.33 -19.63 23.46
CA ALA A 9 35.62 -18.41 23.12
C ALA A 9 34.65 -18.69 21.97
N LEU A 10 35.13 -19.37 20.94
CA LEU A 10 34.30 -19.69 19.79
C LEU A 10 33.11 -20.54 20.23
N GLN A 11 33.37 -21.56 21.02
CA GLN A 11 32.36 -22.47 21.55
C GLN A 11 31.24 -21.72 22.26
N LYS A 12 31.63 -20.69 23.01
CA LYS A 12 30.66 -19.90 23.75
C LYS A 12 29.91 -18.95 22.82
N SER A 13 30.62 -18.42 21.82
CA SER A 13 30.03 -17.52 20.83
C SER A 13 28.81 -18.16 20.18
N MET A 14 28.97 -19.42 19.78
CA MET A 14 27.89 -20.18 19.18
C MET A 14 26.70 -20.34 20.14
N PHE A 15 26.99 -20.51 21.41
CA PHE A 15 25.95 -20.67 22.44
C PHE A 15 25.14 -19.38 22.51
N PHE A 16 25.83 -18.24 22.47
CA PHE A 16 25.20 -16.93 22.47
C PHE A 16 24.13 -16.87 21.38
N TYR A 17 24.52 -17.20 20.15
CA TYR A 17 23.59 -17.21 19.03
C TYR A 17 22.37 -18.06 19.28
N GLU A 18 22.54 -19.15 20.00
CA GLU A 18 21.42 -20.02 20.32
C GLU A 18 20.49 -19.32 21.32
N ALA A 19 21.08 -18.51 22.20
CA ALA A 19 20.33 -17.78 23.21
C ALA A 19 19.50 -16.64 22.60
N GLN A 20 19.90 -16.21 21.40
CA GLN A 20 19.25 -15.14 20.68
C GLN A 20 18.08 -15.61 19.82
N ARG A 21 17.85 -16.92 19.80
CA ARG A 21 16.76 -17.49 19.01
C ARG A 21 15.36 -17.08 19.41
N SER A 22 14.47 -17.07 18.42
CA SER A 22 13.07 -16.71 18.62
C SER A 22 12.23 -17.84 17.99
N GLY A 23 10.97 -17.93 18.38
CA GLY A 23 10.12 -18.97 17.82
C GLY A 23 10.05 -20.18 18.71
N LYS A 24 9.52 -21.28 18.19
CA LYS A 24 9.39 -22.51 18.96
C LYS A 24 10.74 -23.20 19.02
N LEU A 25 11.35 -23.18 20.20
CA LEU A 25 12.66 -23.80 20.39
C LEU A 25 12.57 -25.33 20.31
N PRO A 26 13.60 -25.97 19.73
CA PRO A 26 13.72 -27.42 19.58
C PRO A 26 13.85 -28.15 20.93
N GLU A 27 13.72 -29.47 20.89
CA GLU A 27 13.84 -30.30 22.09
C GLU A 27 15.28 -30.28 22.63
N ASN A 28 16.23 -30.19 21.71
CA ASN A 28 17.65 -30.18 22.03
C ASN A 28 18.20 -28.86 22.56
N ASN A 29 17.32 -27.90 22.79
CA ASN A 29 17.71 -26.58 23.28
C ASN A 29 18.77 -26.63 24.38
N ARG A 30 19.89 -25.94 24.17
CA ARG A 30 20.97 -25.92 25.14
C ARG A 30 20.85 -24.85 26.22
N VAL A 31 20.05 -23.82 25.95
CA VAL A 31 19.84 -22.71 26.87
C VAL A 31 18.60 -22.98 27.72
N SER A 32 18.80 -23.49 28.92
CA SER A 32 17.69 -23.82 29.81
C SER A 32 16.79 -22.64 30.20
N TRP A 33 17.32 -21.43 30.15
CA TRP A 33 16.53 -20.26 30.52
C TRP A 33 15.79 -19.60 29.36
N ARG A 34 15.78 -20.26 28.21
CA ARG A 34 15.08 -19.76 27.04
C ARG A 34 13.90 -20.68 26.71
N GLY A 35 12.73 -20.08 26.49
CA GLY A 35 11.52 -20.82 26.16
C GLY A 35 10.97 -20.30 24.85
N ASP A 36 9.81 -20.78 24.43
CA ASP A 36 9.19 -20.33 23.19
C ASP A 36 8.80 -18.86 23.31
N SER A 37 8.87 -18.13 22.19
CA SER A 37 8.52 -16.72 22.17
C SER A 37 8.22 -16.26 20.76
N GLY A 38 7.54 -15.13 20.63
CA GLY A 38 7.18 -14.60 19.32
C GLY A 38 6.46 -15.65 18.52
N LEU A 39 5.57 -16.39 19.17
CA LEU A 39 4.82 -17.46 18.52
C LEU A 39 3.76 -16.97 17.55
N ASN A 40 3.39 -15.69 17.64
CA ASN A 40 2.38 -15.14 16.74
C ASN A 40 2.97 -14.17 15.72
N ASP A 41 4.27 -14.30 15.47
CA ASP A 41 4.95 -13.45 14.50
C ASP A 41 4.43 -13.76 13.11
N GLY A 42 3.94 -12.72 12.43
CA GLY A 42 3.41 -12.88 11.09
C GLY A 42 1.91 -13.03 11.02
N ALA A 43 1.28 -13.33 12.16
CA ALA A 43 -0.17 -13.50 12.21
C ALA A 43 -0.91 -12.34 11.55
N ASP A 44 -0.46 -11.13 11.82
CA ASP A 44 -1.09 -9.93 11.27
C ASP A 44 -1.19 -9.92 9.74
N VAL A 45 -0.31 -10.66 9.09
CA VAL A 45 -0.30 -10.74 7.63
C VAL A 45 -0.59 -12.18 7.19
N GLY A 46 -1.18 -12.95 8.09
CA GLY A 46 -1.54 -14.32 7.81
C GLY A 46 -0.39 -15.22 7.39
N LEU A 47 0.80 -14.92 7.88
CA LEU A 47 1.97 -15.74 7.55
C LEU A 47 2.67 -16.23 8.80
N ASP A 48 3.48 -17.27 8.64
CA ASP A 48 4.23 -17.80 9.77
C ASP A 48 5.61 -17.20 9.64
N LEU A 49 5.92 -16.27 10.54
CA LEU A 49 7.22 -15.62 10.54
C LEU A 49 7.90 -15.84 11.87
N THR A 50 7.66 -17.01 12.46
CA THR A 50 8.29 -17.36 13.71
C THR A 50 9.69 -17.87 13.42
N GLY A 51 10.60 -17.70 14.37
CA GLY A 51 11.96 -18.15 14.17
C GLY A 51 12.88 -16.96 14.05
N GLY A 52 14.08 -17.19 13.52
CA GLY A 52 15.02 -16.11 13.38
C GLY A 52 15.74 -15.74 14.66
N TRP A 53 16.36 -14.56 14.65
CA TRP A 53 17.13 -14.09 15.79
C TRP A 53 16.71 -12.73 16.32
N TYR A 54 16.78 -12.59 17.64
CA TYR A 54 16.51 -11.29 18.24
C TYR A 54 17.81 -10.55 17.93
N ASP A 55 17.66 -9.33 17.47
CA ASP A 55 18.78 -8.50 17.07
C ASP A 55 19.87 -8.21 18.12
N ALA A 56 19.48 -7.66 19.26
CA ALA A 56 20.44 -7.29 20.30
C ALA A 56 19.89 -7.67 21.67
N GLY A 57 19.81 -6.68 22.56
CA GLY A 57 19.27 -6.89 23.89
C GLY A 57 17.76 -6.70 23.86
N ASP A 58 17.27 -6.19 22.71
CA ASP A 58 15.85 -5.95 22.48
C ASP A 58 15.23 -7.16 21.78
N HIS A 59 13.95 -7.08 21.41
CA HIS A 59 13.27 -8.21 20.77
C HIS A 59 12.76 -8.02 19.34
N VAL A 60 13.06 -6.88 18.73
CA VAL A 60 12.63 -6.64 17.35
C VAL A 60 13.55 -7.43 16.41
N LYS A 61 12.96 -8.09 15.42
CA LYS A 61 13.73 -8.88 14.45
C LYS A 61 14.06 -8.05 13.22
N PHE A 62 15.19 -7.35 13.27
CA PHE A 62 15.64 -6.49 12.18
C PHE A 62 16.34 -7.33 11.11
N GLY A 63 15.74 -7.37 9.93
CA GLY A 63 16.26 -8.16 8.84
C GLY A 63 17.60 -7.78 8.27
N PHE A 64 17.89 -6.49 8.18
CA PHE A 64 19.15 -6.03 7.63
C PHE A 64 20.39 -6.60 8.36
N PRO A 65 20.55 -6.31 9.67
CA PRO A 65 21.70 -6.84 10.41
C PRO A 65 21.64 -8.36 10.63
N MET A 66 20.44 -8.91 10.63
CA MET A 66 20.30 -10.36 10.81
C MET A 66 20.89 -11.08 9.59
N ALA A 67 20.67 -10.50 8.42
CA ALA A 67 21.18 -11.06 7.16
C ALA A 67 22.70 -10.92 7.11
N PHE A 68 23.19 -9.74 7.48
CA PHE A 68 24.62 -9.50 7.48
C PHE A 68 25.34 -10.50 8.39
N THR A 69 24.84 -10.65 9.61
CA THR A 69 25.43 -11.58 10.55
C THR A 69 25.58 -12.95 9.88
N ALA A 70 24.51 -13.42 9.25
CA ALA A 70 24.50 -14.71 8.57
C ALA A 70 25.63 -14.81 7.54
N THR A 71 25.79 -13.78 6.72
CA THR A 71 26.85 -13.77 5.71
C THR A 71 28.25 -13.82 6.31
N MET A 72 28.48 -13.02 7.35
CA MET A 72 29.79 -12.98 8.00
C MET A 72 30.09 -14.34 8.65
N LEU A 73 29.08 -14.95 9.25
CA LEU A 73 29.23 -16.25 9.89
C LEU A 73 29.57 -17.30 8.85
N ALA A 74 28.85 -17.30 7.72
CA ALA A 74 29.13 -18.25 6.66
C ALA A 74 30.56 -17.98 6.14
N TRP A 75 30.87 -16.72 5.84
CA TRP A 75 32.18 -16.34 5.32
C TRP A 75 33.31 -16.97 6.14
N GLY A 76 33.30 -16.75 7.45
CA GLY A 76 34.32 -17.31 8.32
C GLY A 76 34.44 -18.83 8.24
N ALA A 77 33.31 -19.49 8.03
CA ALA A 77 33.28 -20.96 7.93
C ALA A 77 33.85 -21.42 6.59
N ILE A 78 33.75 -20.56 5.59
CA ILE A 78 34.29 -20.90 4.28
C ILE A 78 35.81 -20.66 4.35
N GLU A 79 36.23 -19.61 5.05
CA GLU A 79 37.65 -19.29 5.17
C GLU A 79 38.39 -20.31 6.01
N SER A 80 37.86 -20.60 7.18
CA SER A 80 38.48 -21.58 8.07
C SER A 80 37.51 -22.64 8.56
N PRO A 81 37.10 -23.56 7.67
CA PRO A 81 36.27 -24.69 8.13
C PRO A 81 37.03 -25.53 9.17
N GLU A 82 38.34 -25.58 9.05
CA GLU A 82 39.18 -26.32 10.00
C GLU A 82 39.04 -25.77 11.41
N GLY A 83 38.97 -24.45 11.53
CA GLY A 83 38.83 -23.83 12.85
C GLY A 83 37.56 -24.31 13.55
N TYR A 84 36.48 -24.41 12.78
CA TYR A 84 35.21 -24.87 13.33
C TYR A 84 35.24 -26.37 13.62
N ILE A 85 35.99 -27.11 12.81
CA ILE A 85 36.11 -28.55 13.02
C ILE A 85 36.91 -28.83 14.30
N ARG A 86 38.09 -28.23 14.40
CA ARG A 86 38.97 -28.41 15.56
C ARG A 86 38.32 -28.10 16.89
N SER A 87 37.70 -26.93 17.00
CA SER A 87 37.05 -26.53 18.23
C SER A 87 35.77 -27.33 18.48
N GLY A 88 35.43 -28.21 17.53
CA GLY A 88 34.24 -29.03 17.62
C GLY A 88 32.96 -28.23 17.53
N GLN A 89 33.04 -27.05 16.92
CA GLN A 89 31.88 -26.18 16.84
C GLN A 89 31.20 -26.19 15.48
N MET A 90 31.79 -26.88 14.52
CA MET A 90 31.21 -26.95 13.18
C MET A 90 29.72 -27.33 13.14
N PRO A 91 29.31 -28.32 13.95
CA PRO A 91 27.89 -28.70 13.99
C PRO A 91 26.97 -27.60 14.53
N TYR A 92 27.48 -26.80 15.47
CA TYR A 92 26.71 -25.69 16.04
C TYR A 92 26.62 -24.54 15.08
N LEU A 93 27.69 -24.27 14.35
CA LEU A 93 27.66 -23.20 13.36
C LEU A 93 26.59 -23.52 12.32
N LYS A 94 26.64 -24.73 11.77
CA LYS A 94 25.68 -25.17 10.78
C LYS A 94 24.27 -25.12 11.33
N ASP A 95 24.13 -25.47 12.60
CA ASP A 95 22.85 -25.47 13.29
C ASP A 95 22.30 -24.04 13.41
N ASN A 96 23.16 -23.10 13.77
CA ASN A 96 22.78 -21.69 13.91
C ASN A 96 22.42 -21.09 12.56
N LEU A 97 23.28 -21.33 11.56
CA LEU A 97 23.04 -20.83 10.21
C LEU A 97 21.75 -21.42 9.65
N ARG A 98 21.50 -22.69 9.96
CA ARG A 98 20.26 -23.30 9.47
C ARG A 98 19.06 -22.59 10.09
N TRP A 99 19.18 -22.26 11.37
CA TRP A 99 18.09 -21.58 12.06
C TRP A 99 17.70 -20.27 11.35
N VAL A 100 18.65 -19.36 11.17
CA VAL A 100 18.36 -18.09 10.52
C VAL A 100 17.98 -18.23 9.03
N ASN A 101 18.53 -19.22 8.33
CA ASN A 101 18.19 -19.40 6.93
C ASN A 101 16.78 -19.96 6.72
N ASP A 102 16.31 -20.76 7.67
CA ASP A 102 14.95 -21.30 7.58
C ASP A 102 13.98 -20.13 7.67
N TYR A 103 14.28 -19.20 8.56
CA TYR A 103 13.47 -18.01 8.76
C TYR A 103 13.41 -17.17 7.48
N PHE A 104 14.56 -16.99 6.84
CA PHE A 104 14.67 -16.22 5.61
C PHE A 104 13.79 -16.79 4.51
N ILE A 105 13.61 -18.10 4.52
CA ILE A 105 12.77 -18.77 3.55
C ILE A 105 11.32 -18.45 3.92
N LYS A 106 11.02 -18.51 5.20
CA LYS A 106 9.68 -18.21 5.69
C LYS A 106 9.29 -16.78 5.31
N ALA A 107 10.27 -15.88 5.40
CA ALA A 107 10.09 -14.47 5.10
C ALA A 107 10.08 -14.11 3.60
N HIS A 108 10.33 -15.08 2.73
CA HIS A 108 10.34 -14.83 1.29
C HIS A 108 9.24 -15.66 0.62
N PRO A 109 7.97 -15.24 0.77
CA PRO A 109 6.79 -15.96 0.28
C PRO A 109 6.62 -15.94 -1.24
N SER A 110 7.37 -15.08 -1.91
CA SER A 110 7.34 -14.98 -3.37
C SER A 110 8.60 -14.24 -3.79
N PRO A 111 9.03 -14.42 -5.05
CA PRO A 111 10.29 -13.84 -5.53
C PRO A 111 10.56 -12.37 -5.21
N ASN A 112 9.56 -11.51 -5.39
CA ASN A 112 9.75 -10.08 -5.13
C ASN A 112 9.14 -9.54 -3.83
N VAL A 113 9.01 -10.39 -2.83
CA VAL A 113 8.46 -9.97 -1.54
C VAL A 113 9.33 -10.54 -0.43
N LEU A 114 9.85 -9.66 0.42
CA LEU A 114 10.71 -10.07 1.52
C LEU A 114 10.29 -9.37 2.81
N TYR A 115 9.98 -10.15 3.85
CA TYR A 115 9.64 -9.55 5.13
C TYR A 115 10.96 -9.23 5.80
N VAL A 116 11.16 -7.95 6.10
CA VAL A 116 12.39 -7.48 6.68
C VAL A 116 12.32 -7.10 8.16
N GLN A 117 11.12 -7.15 8.74
CA GLN A 117 11.01 -6.78 10.15
C GLN A 117 9.74 -7.25 10.81
N VAL A 118 9.88 -7.72 12.04
CA VAL A 118 8.75 -8.18 12.84
C VAL A 118 8.95 -7.52 14.19
N GLY A 119 8.08 -6.58 14.52
CA GLY A 119 8.15 -5.88 15.78
C GLY A 119 8.34 -4.40 15.56
N ASP A 120 7.87 -3.59 16.51
CA ASP A 120 7.99 -2.13 16.42
C ASP A 120 9.12 -1.71 17.37
N GLY A 121 10.10 -0.97 16.84
CA GLY A 121 11.23 -0.53 17.64
C GLY A 121 10.89 0.20 18.93
N ASP A 122 9.98 1.17 18.85
CA ASP A 122 9.60 1.95 20.02
C ASP A 122 8.80 1.18 21.06
N ALA A 123 7.73 0.53 20.64
CA ALA A 123 6.90 -0.23 21.56
C ALA A 123 7.74 -1.29 22.25
N ASP A 124 8.57 -1.98 21.46
CA ASP A 124 9.42 -3.05 21.98
C ASP A 124 10.44 -2.55 22.99
N HIS A 125 10.95 -1.35 22.74
CA HIS A 125 11.93 -0.77 23.64
C HIS A 125 11.36 -0.15 24.91
N LYS A 126 10.04 0.06 24.95
CA LYS A 126 9.39 0.64 26.13
C LYS A 126 9.19 -0.34 27.27
N TRP A 127 9.30 -1.61 26.96
CA TRP A 127 9.11 -2.65 27.94
C TRP A 127 10.44 -3.37 28.23
N TRP A 128 10.65 -3.72 29.49
CA TRP A 128 11.87 -4.39 29.90
C TRP A 128 11.56 -5.68 30.64
N GLY A 129 11.64 -6.80 29.94
CA GLY A 129 11.35 -8.08 30.54
C GLY A 129 11.67 -9.22 29.58
N PRO A 130 11.55 -10.49 30.00
CA PRO A 130 11.86 -11.69 29.22
C PRO A 130 11.04 -11.79 27.93
N ALA A 131 11.67 -12.31 26.88
CA ALA A 131 11.02 -12.49 25.58
C ALA A 131 9.79 -13.41 25.58
N GLU A 132 9.87 -14.48 26.37
CA GLU A 132 8.77 -15.45 26.44
C GLU A 132 7.41 -14.87 26.85
N VAL A 133 7.41 -13.70 27.48
CA VAL A 133 6.16 -13.09 27.92
C VAL A 133 5.88 -11.69 27.39
N MET A 134 6.49 -11.33 26.26
CA MET A 134 6.26 -10.01 25.67
C MET A 134 4.75 -9.79 25.56
N PRO A 135 4.25 -8.64 26.07
CA PRO A 135 2.82 -8.34 26.05
C PRO A 135 2.34 -7.41 24.92
N MET A 136 3.28 -6.89 24.13
CA MET A 136 2.93 -5.97 23.04
C MET A 136 2.70 -6.65 21.69
N GLU A 137 2.01 -5.94 20.80
CA GLU A 137 1.72 -6.46 19.47
C GLU A 137 2.98 -6.29 18.64
N ARG A 138 3.19 -7.21 17.71
CA ARG A 138 4.39 -7.18 16.88
C ARG A 138 4.05 -7.18 15.40
N PRO A 139 3.93 -6.00 14.80
CA PRO A 139 3.62 -5.84 13.38
C PRO A 139 4.73 -6.36 12.47
N SER A 140 4.35 -6.89 11.32
CA SER A 140 5.31 -7.43 10.34
C SER A 140 5.39 -6.44 9.18
N PHE A 141 6.61 -6.08 8.80
CA PHE A 141 6.83 -5.14 7.71
C PHE A 141 7.56 -5.83 6.57
N LYS A 142 7.30 -5.41 5.34
CA LYS A 142 7.93 -6.01 4.18
C LYS A 142 8.32 -5.00 3.12
N VAL A 143 8.97 -5.51 2.08
CA VAL A 143 9.40 -4.73 0.94
C VAL A 143 9.06 -5.54 -0.31
N ASP A 144 8.48 -4.86 -1.29
CA ASP A 144 8.08 -5.48 -2.56
C ASP A 144 8.35 -4.45 -3.66
N PRO A 145 7.99 -4.74 -4.92
CA PRO A 145 8.20 -3.75 -5.98
C PRO A 145 7.56 -2.37 -5.73
N SER A 146 6.49 -2.33 -4.94
CA SER A 146 5.78 -1.09 -4.62
C SER A 146 6.59 -0.18 -3.70
N CYS A 147 7.53 -0.77 -2.97
CA CYS A 147 8.38 -0.03 -2.03
C CYS A 147 9.53 -0.98 -1.77
N PRO A 148 10.54 -0.96 -2.65
CA PRO A 148 11.69 -1.87 -2.60
C PRO A 148 12.65 -1.66 -1.43
N GLY A 149 13.69 -2.48 -1.41
CA GLY A 149 14.71 -2.39 -0.37
C GLY A 149 15.88 -3.21 -0.87
N SER A 150 16.55 -2.67 -1.88
CA SER A 150 17.70 -3.32 -2.51
C SER A 150 18.82 -3.73 -1.55
N ASP A 151 19.04 -2.94 -0.51
CA ASP A 151 20.08 -3.27 0.47
C ASP A 151 19.78 -4.55 1.24
N VAL A 152 18.67 -4.55 1.96
CA VAL A 152 18.27 -5.69 2.74
C VAL A 152 18.03 -6.93 1.87
N ALA A 153 17.45 -6.73 0.68
CA ALA A 153 17.18 -7.84 -0.22
C ALA A 153 18.47 -8.49 -0.70
N ALA A 154 19.39 -7.67 -1.19
CA ALA A 154 20.67 -8.15 -1.71
C ALA A 154 21.49 -8.81 -0.61
N GLU A 155 21.37 -8.30 0.61
CA GLU A 155 22.10 -8.86 1.75
C GLU A 155 21.53 -10.24 2.06
N THR A 156 20.21 -10.36 2.08
CA THR A 156 19.59 -11.64 2.35
C THR A 156 19.99 -12.65 1.26
N ALA A 157 20.19 -12.17 0.04
CA ALA A 157 20.61 -13.04 -1.08
C ALA A 157 22.04 -13.51 -0.82
N ALA A 158 22.89 -12.58 -0.39
CA ALA A 158 24.28 -12.88 -0.07
C ALA A 158 24.32 -13.91 1.05
N ALA A 159 23.48 -13.70 2.07
CA ALA A 159 23.39 -14.59 3.23
C ALA A 159 23.07 -16.02 2.84
N MET A 160 21.99 -16.18 2.07
CA MET A 160 21.55 -17.49 1.62
C MET A 160 22.56 -18.14 0.66
N ALA A 161 23.20 -17.31 -0.16
CA ALA A 161 24.20 -17.81 -1.10
C ALA A 161 25.41 -18.35 -0.34
N ALA A 162 26.02 -17.50 0.47
CA ALA A 162 27.20 -17.88 1.25
C ALA A 162 26.99 -19.14 2.07
N SER A 163 25.80 -19.29 2.63
CA SER A 163 25.45 -20.45 3.45
C SER A 163 25.29 -21.72 2.62
N SER A 164 24.78 -21.58 1.39
CA SER A 164 24.57 -22.73 0.52
C SER A 164 25.87 -23.46 0.32
N ILE A 165 26.97 -22.70 0.28
CA ILE A 165 28.29 -23.27 0.12
C ILE A 165 28.66 -24.10 1.35
N VAL A 166 28.26 -23.62 2.53
CA VAL A 166 28.54 -24.32 3.78
C VAL A 166 27.79 -25.65 3.83
N PHE A 167 26.53 -25.65 3.43
CA PHE A 167 25.72 -26.86 3.44
C PHE A 167 25.89 -27.76 2.23
N ALA A 168 26.46 -27.21 1.16
CA ALA A 168 26.69 -27.93 -0.10
C ALA A 168 26.95 -29.44 0.01
N ASP A 169 27.88 -29.84 0.86
CA ASP A 169 28.21 -31.26 1.01
C ASP A 169 27.26 -32.01 1.94
N ASP A 170 26.84 -31.35 3.02
CA ASP A 170 25.95 -31.95 3.99
C ASP A 170 24.51 -32.12 3.51
N ASP A 171 23.95 -31.03 2.99
CA ASP A 171 22.58 -31.06 2.53
C ASP A 171 22.45 -30.38 1.17
N PRO A 172 22.85 -31.08 0.09
CA PRO A 172 22.78 -30.53 -1.26
C PRO A 172 21.40 -29.98 -1.62
N ALA A 173 20.36 -30.63 -1.10
CA ALA A 173 18.98 -30.20 -1.33
C ALA A 173 18.78 -28.80 -0.75
N TYR A 174 19.08 -28.67 0.55
CA TYR A 174 18.95 -27.40 1.27
C TYR A 174 19.74 -26.32 0.54
N ALA A 175 21.00 -26.63 0.26
CA ALA A 175 21.90 -25.70 -0.43
C ALA A 175 21.25 -25.18 -1.69
N ALA A 176 20.71 -26.08 -2.50
CA ALA A 176 20.06 -25.71 -3.75
C ALA A 176 18.92 -24.72 -3.52
N THR A 177 18.12 -25.00 -2.49
CA THR A 177 16.98 -24.15 -2.14
C THR A 177 17.39 -22.72 -1.74
N LEU A 178 18.52 -22.61 -1.04
CA LEU A 178 19.03 -21.32 -0.63
C LEU A 178 19.48 -20.56 -1.86
N VAL A 179 20.18 -21.25 -2.75
CA VAL A 179 20.68 -20.66 -4.00
C VAL A 179 19.51 -20.14 -4.83
N GLN A 180 18.47 -20.95 -4.97
CA GLN A 180 17.28 -20.56 -5.73
C GLN A 180 16.68 -19.27 -5.16
N HIS A 181 16.51 -19.22 -3.84
CA HIS A 181 15.96 -18.04 -3.18
C HIS A 181 16.86 -16.82 -3.40
N ALA A 182 18.16 -17.04 -3.26
CA ALA A 182 19.16 -15.99 -3.42
C ALA A 182 19.12 -15.30 -4.77
N LYS A 183 18.92 -16.08 -5.83
CA LYS A 183 18.87 -15.52 -7.17
C LYS A 183 17.67 -14.56 -7.30
N GLN A 184 16.51 -15.02 -6.84
CA GLN A 184 15.29 -14.22 -6.89
C GLN A 184 15.48 -12.92 -6.11
N LEU A 185 16.00 -13.02 -4.89
CA LEU A 185 16.23 -11.83 -4.06
C LEU A 185 17.21 -10.86 -4.69
N TYR A 186 18.25 -11.37 -5.32
CA TYR A 186 19.21 -10.48 -5.95
C TYR A 186 18.57 -9.78 -7.14
N THR A 187 17.79 -10.53 -7.92
CA THR A 187 17.09 -9.98 -9.08
C THR A 187 16.16 -8.88 -8.61
N PHE A 188 15.35 -9.19 -7.60
CA PHE A 188 14.42 -8.23 -7.02
C PHE A 188 15.15 -6.95 -6.61
N ALA A 189 16.29 -7.11 -5.94
CA ALA A 189 17.07 -5.97 -5.49
C ALA A 189 17.67 -5.15 -6.64
N ASP A 190 18.14 -5.83 -7.69
CA ASP A 190 18.75 -5.15 -8.84
C ASP A 190 17.71 -4.49 -9.74
N THR A 191 16.52 -5.07 -9.82
CA THR A 191 15.45 -4.55 -10.67
C THR A 191 14.70 -3.37 -10.06
N TYR A 192 14.31 -3.52 -8.78
CA TYR A 192 13.59 -2.46 -8.07
C TYR A 192 14.51 -1.80 -7.07
N ARG A 193 15.11 -0.68 -7.48
CA ARG A 193 16.06 0.05 -6.66
C ARG A 193 15.42 0.90 -5.55
N GLY A 194 16.09 0.96 -4.40
CA GLY A 194 15.59 1.75 -3.29
C GLY A 194 16.20 1.40 -1.94
N VAL A 195 16.12 2.35 -1.03
CA VAL A 195 16.65 2.20 0.33
C VAL A 195 15.51 1.66 1.20
N TYR A 196 15.72 0.49 1.82
CA TYR A 196 14.69 -0.14 2.63
C TYR A 196 14.15 0.70 3.79
N SER A 197 14.97 1.59 4.33
CA SER A 197 14.53 2.41 5.45
C SER A 197 13.55 3.52 5.04
N ASP A 198 13.26 3.58 3.75
CA ASP A 198 12.31 4.54 3.21
C ASP A 198 10.93 3.87 3.21
N CYS A 199 10.94 2.54 3.34
CA CYS A 199 9.74 1.74 3.32
C CYS A 199 9.34 1.14 4.66
N VAL A 200 10.32 0.76 5.47
CA VAL A 200 10.01 0.20 6.78
C VAL A 200 10.57 1.11 7.87
N PRO A 201 9.87 1.20 9.01
CA PRO A 201 10.23 2.10 10.10
C PRO A 201 11.42 1.61 10.95
N ALA A 202 12.57 1.39 10.30
CA ALA A 202 13.77 0.94 10.98
C ALA A 202 14.86 2.01 10.98
N GLY A 203 14.58 3.12 10.32
CA GLY A 203 15.53 4.21 10.21
C GLY A 203 16.21 4.71 11.48
N ALA A 204 15.53 4.61 12.62
CA ALA A 204 16.08 5.08 13.89
C ALA A 204 16.97 4.05 14.57
N PHE A 205 17.06 2.87 13.97
CA PHE A 205 17.84 1.77 14.55
C PHE A 205 18.89 1.27 13.57
N TYR A 206 18.43 0.89 12.38
CA TYR A 206 19.31 0.39 11.34
C TYR A 206 19.02 1.12 10.03
N ASN A 207 19.29 2.41 10.01
CA ASN A 207 19.08 3.20 8.82
C ASN A 207 20.11 2.79 7.77
N SER A 208 19.71 2.83 6.50
CA SER A 208 20.62 2.48 5.42
C SER A 208 21.47 3.71 5.12
N TRP A 209 22.46 3.96 5.98
CA TRP A 209 23.35 5.11 5.85
C TRP A 209 24.24 5.15 4.60
N SER A 210 24.59 4.01 4.01
CA SER A 210 25.47 4.02 2.83
C SER A 210 24.77 3.77 1.50
N GLY A 211 23.51 3.36 1.55
CA GLY A 211 22.80 3.10 0.31
C GLY A 211 22.93 1.63 -0.06
N TYR A 212 22.47 1.26 -1.25
CA TYR A 212 22.52 -0.13 -1.68
C TYR A 212 23.66 -0.50 -2.60
N GLN A 213 24.42 0.48 -3.07
CA GLN A 213 25.50 0.20 -4.00
C GLN A 213 26.47 -0.87 -3.50
N ASP A 214 26.87 -0.78 -2.24
CA ASP A 214 27.79 -1.75 -1.64
C ASP A 214 27.17 -3.16 -1.61
N GLU A 215 25.87 -3.24 -1.36
CA GLU A 215 25.19 -4.54 -1.34
C GLU A 215 25.08 -5.18 -2.71
N LEU A 216 24.97 -4.36 -3.76
CA LEU A 216 24.87 -4.92 -5.12
C LEU A 216 26.17 -5.61 -5.50
N VAL A 217 27.29 -5.06 -5.05
CA VAL A 217 28.59 -5.65 -5.33
C VAL A 217 28.74 -6.89 -4.47
N TRP A 218 28.44 -6.74 -3.19
CA TRP A 218 28.53 -7.79 -2.17
C TRP A 218 27.68 -8.99 -2.57
N GLY A 219 26.40 -8.75 -2.80
CA GLY A 219 25.50 -9.82 -3.20
C GLY A 219 25.96 -10.52 -4.47
N ALA A 220 26.31 -9.75 -5.49
CA ALA A 220 26.76 -10.32 -6.76
C ALA A 220 27.91 -11.31 -6.54
N TYR A 221 28.95 -10.84 -5.84
CA TYR A 221 30.12 -11.67 -5.56
C TYR A 221 29.76 -13.02 -4.93
N TRP A 222 28.90 -12.98 -3.93
CA TRP A 222 28.51 -14.20 -3.24
C TRP A 222 27.68 -15.16 -4.09
N LEU A 223 26.80 -14.61 -4.93
CA LEU A 223 26.02 -15.47 -5.80
C LEU A 223 26.98 -16.14 -6.77
N TYR A 224 28.00 -15.39 -7.18
CA TYR A 224 29.02 -15.91 -8.08
C TYR A 224 29.63 -17.16 -7.45
N LYS A 225 30.02 -17.05 -6.18
CA LYS A 225 30.63 -18.16 -5.47
C LYS A 225 29.74 -19.38 -5.33
N ALA A 226 28.47 -19.17 -5.01
CA ALA A 226 27.54 -20.29 -4.85
C ALA A 226 27.15 -20.94 -6.17
N THR A 227 26.98 -20.14 -7.21
CA THR A 227 26.58 -20.65 -8.52
C THR A 227 27.77 -21.01 -9.41
N GLY A 228 28.74 -20.11 -9.47
CA GLY A 228 29.91 -20.32 -10.30
C GLY A 228 29.64 -19.64 -11.62
N ASP A 229 28.52 -18.92 -11.69
CA ASP A 229 28.11 -18.21 -12.88
C ASP A 229 28.98 -16.97 -13.05
N ASP A 230 29.82 -17.00 -14.08
CA ASP A 230 30.75 -15.91 -14.38
C ASP A 230 30.07 -14.55 -14.56
N SER A 231 28.84 -14.55 -15.02
CA SER A 231 28.12 -13.28 -15.22
C SER A 231 28.06 -12.50 -13.91
N TYR A 232 27.90 -13.23 -12.80
CA TYR A 232 27.82 -12.61 -11.48
C TYR A 232 29.09 -11.88 -11.09
N LEU A 233 30.25 -12.45 -11.41
CA LEU A 233 31.52 -11.79 -11.09
C LEU A 233 31.56 -10.52 -11.91
N ALA A 234 31.12 -10.63 -13.17
CA ALA A 234 31.08 -9.51 -14.08
C ALA A 234 30.23 -8.38 -13.48
N LYS A 235 29.06 -8.76 -12.97
CA LYS A 235 28.12 -7.82 -12.34
C LYS A 235 28.81 -7.09 -11.20
N ALA A 236 29.48 -7.86 -10.34
CA ALA A 236 30.20 -7.31 -9.18
C ALA A 236 31.25 -6.28 -9.57
N GLU A 237 32.16 -6.66 -10.47
CA GLU A 237 33.21 -5.77 -10.92
C GLU A 237 32.66 -4.49 -11.55
N TYR A 238 31.60 -4.60 -12.33
CA TYR A 238 30.99 -3.43 -12.95
C TYR A 238 30.48 -2.47 -11.86
N GLU A 239 29.61 -2.99 -11.00
CA GLU A 239 29.02 -2.20 -9.92
C GLU A 239 30.05 -1.60 -8.97
N TYR A 240 31.20 -2.26 -8.87
CA TYR A 240 32.29 -1.83 -8.00
C TYR A 240 32.72 -0.38 -8.23
N ASP A 241 32.71 0.06 -9.47
CA ASP A 241 33.12 1.42 -9.81
C ASP A 241 32.17 2.51 -9.31
N PHE A 242 30.98 2.10 -8.90
CA PHE A 242 29.98 3.05 -8.41
C PHE A 242 29.95 3.17 -6.89
N LEU A 243 31.00 2.68 -6.24
CA LEU A 243 31.09 2.75 -4.79
C LEU A 243 31.42 4.15 -4.32
N SER A 244 31.15 4.42 -3.05
CA SER A 244 31.40 5.73 -2.47
C SER A 244 32.87 6.08 -2.38
N THR A 245 33.19 7.27 -2.86
CA THR A 245 34.54 7.79 -2.79
C THR A 245 34.60 8.57 -1.49
N GLU A 246 35.74 9.20 -1.20
CA GLU A 246 35.85 9.95 0.04
C GLU A 246 35.98 11.46 -0.15
N GLN A 247 35.23 12.19 0.69
CA GLN A 247 35.21 13.65 0.72
C GLN A 247 35.38 14.41 -0.60
N GLN A 248 36.61 14.53 -1.08
CA GLN A 248 36.88 15.27 -2.31
C GLN A 248 37.66 14.45 -3.33
N THR A 249 38.46 13.51 -2.84
CA THR A 249 39.29 12.69 -3.71
C THR A 249 38.48 11.63 -4.45
N ASP A 250 39.09 11.06 -5.49
CA ASP A 250 38.46 10.01 -6.28
C ASP A 250 38.77 8.65 -5.66
N LEU A 251 39.36 8.69 -4.47
CA LEU A 251 39.71 7.48 -3.74
C LEU A 251 38.48 6.95 -3.05
N ARG A 252 38.30 5.63 -3.08
CA ARG A 252 37.14 5.01 -2.44
C ARG A 252 37.30 5.01 -0.93
N SER A 253 36.16 5.12 -0.23
CA SER A 253 36.12 5.16 1.23
C SER A 253 37.11 4.20 1.91
N TYR A 254 37.86 4.70 2.88
CA TYR A 254 38.84 3.89 3.57
C TYR A 254 38.96 4.19 5.07
N ARG A 255 38.16 5.13 5.55
CA ARG A 255 38.21 5.53 6.96
C ARG A 255 37.28 4.87 7.94
N TRP A 256 36.45 3.94 7.48
CA TRP A 256 35.52 3.27 8.38
C TRP A 256 35.85 1.77 8.28
N THR A 257 34.82 0.92 8.31
CA THR A 257 35.05 -0.52 8.18
C THR A 257 33.76 -1.26 7.81
N ILE A 258 33.89 -2.55 7.54
CA ILE A 258 32.75 -3.35 7.18
C ILE A 258 31.88 -3.64 8.40
N ALA A 259 30.58 -3.42 8.25
CA ALA A 259 29.62 -3.66 9.31
C ALA A 259 28.28 -3.84 8.63
N TRP A 260 27.24 -4.14 9.39
CA TRP A 260 25.90 -4.37 8.83
C TRP A 260 25.42 -3.39 7.75
N ASP A 261 25.99 -2.19 7.69
CA ASP A 261 25.56 -1.20 6.72
C ASP A 261 26.44 -1.08 5.49
N ASP A 262 27.75 -1.07 5.70
CA ASP A 262 28.69 -0.88 4.61
C ASP A 262 29.57 -2.07 4.28
N LYS A 263 29.33 -2.68 3.12
CA LYS A 263 30.12 -3.83 2.70
C LYS A 263 31.21 -3.52 1.70
N SER A 264 31.45 -2.22 1.44
CA SER A 264 32.49 -1.78 0.50
C SER A 264 33.84 -2.40 0.83
N TYR A 265 34.19 -2.32 2.11
CA TYR A 265 35.45 -2.84 2.60
C TYR A 265 35.63 -4.34 2.36
N GLY A 266 34.56 -5.10 2.55
CA GLY A 266 34.64 -6.54 2.33
C GLY A 266 34.96 -6.82 0.87
N THR A 267 34.26 -6.13 -0.04
CA THR A 267 34.45 -6.32 -1.47
C THR A 267 35.86 -6.01 -1.94
N TYR A 268 36.51 -5.02 -1.34
CA TYR A 268 37.89 -4.67 -1.69
C TYR A 268 38.76 -5.93 -1.61
N VAL A 269 38.67 -6.61 -0.47
CA VAL A 269 39.44 -7.81 -0.20
C VAL A 269 38.96 -9.02 -0.98
N LEU A 270 37.65 -9.19 -1.03
CA LEU A 270 37.08 -10.33 -1.75
C LEU A 270 37.44 -10.33 -3.24
N LEU A 271 37.29 -9.20 -3.91
CA LEU A 271 37.62 -9.15 -5.34
C LEU A 271 39.13 -9.22 -5.55
N ALA A 272 39.90 -8.69 -4.62
CA ALA A 272 41.36 -8.73 -4.71
C ALA A 272 41.79 -10.18 -4.62
N LYS A 273 41.12 -10.91 -3.73
CA LYS A 273 41.39 -12.32 -3.52
C LYS A 273 40.98 -13.13 -4.74
N GLU A 274 39.87 -12.76 -5.35
CA GLU A 274 39.35 -13.48 -6.51
C GLU A 274 40.09 -13.19 -7.82
N THR A 275 40.18 -11.93 -8.19
CA THR A 275 40.83 -11.52 -9.44
C THR A 275 42.33 -11.29 -9.36
N GLY A 276 42.76 -10.62 -8.30
CA GLY A 276 44.18 -10.33 -8.15
C GLY A 276 44.53 -9.01 -8.82
N LYS A 277 43.49 -8.25 -9.20
CA LYS A 277 43.70 -6.97 -9.86
C LYS A 277 44.25 -5.90 -8.92
N GLN A 278 45.23 -5.15 -9.41
CA GLN A 278 45.88 -4.09 -8.64
C GLN A 278 44.83 -3.12 -8.09
N LYS A 279 43.84 -2.83 -8.92
CA LYS A 279 42.74 -1.92 -8.58
C LYS A 279 42.15 -2.22 -7.19
N TYR A 280 41.84 -3.48 -6.94
CA TYR A 280 41.25 -3.90 -5.68
C TYR A 280 42.31 -3.87 -4.57
N ILE A 281 43.49 -4.38 -4.88
CA ILE A 281 44.60 -4.41 -3.93
C ILE A 281 44.92 -3.03 -3.35
N ASP A 282 44.87 -2.00 -4.19
CA ASP A 282 45.15 -0.64 -3.73
C ASP A 282 44.12 -0.20 -2.70
N ASP A 283 42.84 -0.38 -3.03
CA ASP A 283 41.76 -0.01 -2.11
C ASP A 283 41.91 -0.75 -0.79
N ALA A 284 42.07 -2.06 -0.86
CA ALA A 284 42.22 -2.90 0.34
C ALA A 284 43.42 -2.45 1.16
N ASN A 285 44.52 -2.12 0.48
CA ASN A 285 45.74 -1.67 1.13
C ASN A 285 45.54 -0.37 1.89
N ARG A 286 44.95 0.61 1.21
CA ARG A 286 44.70 1.94 1.79
C ARG A 286 43.84 1.85 3.04
N TRP A 287 42.80 1.00 2.99
CA TRP A 287 41.89 0.81 4.10
C TRP A 287 42.62 0.20 5.30
N LEU A 288 43.22 -0.96 5.09
CA LEU A 288 43.94 -1.65 6.16
C LEU A 288 45.13 -0.89 6.70
N ASP A 289 45.70 0.00 5.89
CA ASP A 289 46.83 0.82 6.34
C ASP A 289 46.29 1.90 7.28
N TYR A 290 45.16 2.49 6.93
CA TYR A 290 44.56 3.53 7.77
C TYR A 290 44.30 2.96 9.17
N TRP A 291 44.04 1.64 9.23
CA TRP A 291 43.80 0.98 10.51
C TRP A 291 45.07 0.55 11.24
N THR A 292 46.20 0.55 10.54
CA THR A 292 47.46 0.15 11.13
C THR A 292 48.49 1.27 11.23
N VAL A 293 49.22 1.53 10.15
CA VAL A 293 50.25 2.57 10.12
C VAL A 293 49.73 3.97 9.83
N GLY A 294 48.62 4.03 9.10
CA GLY A 294 48.02 5.30 8.74
C GLY A 294 48.29 5.67 7.29
N VAL A 295 47.48 6.58 6.74
CA VAL A 295 47.66 7.02 5.37
C VAL A 295 47.55 8.53 5.29
N ASN A 296 48.58 9.16 4.71
CA ASN A 296 48.63 10.61 4.57
C ASN A 296 48.63 11.30 5.92
N GLY A 297 49.14 10.60 6.93
CA GLY A 297 49.19 11.16 8.27
C GLY A 297 47.97 10.84 9.12
N GLN A 298 46.90 10.37 8.49
CA GLN A 298 45.68 10.02 9.20
C GLN A 298 45.70 8.56 9.60
N ARG A 299 45.12 8.25 10.76
CA ARG A 299 45.11 6.88 11.27
C ARG A 299 43.93 6.74 12.24
N VAL A 300 43.32 5.56 12.27
CA VAL A 300 42.18 5.32 13.16
C VAL A 300 42.65 5.54 14.60
N PRO A 301 41.80 6.14 15.45
CA PRO A 301 42.21 6.38 16.84
C PRO A 301 42.64 5.10 17.56
N TYR A 302 43.71 5.20 18.34
CA TYR A 302 44.24 4.07 19.10
C TYR A 302 44.36 4.45 20.57
N SER A 303 44.04 3.52 21.47
CA SER A 303 44.16 3.76 22.90
C SER A 303 45.58 3.36 23.28
N PRO A 304 46.07 3.83 24.45
CA PRO A 304 47.39 3.42 24.94
C PRO A 304 47.45 1.92 25.08
N GLY A 305 46.30 1.33 25.38
CA GLY A 305 46.22 -0.11 25.55
C GLY A 305 46.28 -0.91 24.25
N GLY A 306 46.33 -0.22 23.11
CA GLY A 306 46.41 -0.93 21.85
C GLY A 306 45.11 -1.19 21.10
N MET A 307 44.00 -0.67 21.60
CA MET A 307 42.71 -0.88 20.94
C MET A 307 42.42 0.18 19.88
N ALA A 308 41.97 -0.25 18.72
CA ALA A 308 41.59 0.65 17.64
C ALA A 308 40.13 1.01 17.93
N VAL A 309 39.89 2.28 18.29
CA VAL A 309 38.55 2.74 18.62
C VAL A 309 37.98 3.55 17.45
N LEU A 310 37.11 2.94 16.66
CA LEU A 310 36.51 3.61 15.51
C LEU A 310 35.30 4.51 15.83
N ASP A 311 34.51 4.10 16.83
CA ASP A 311 33.31 4.84 17.21
C ASP A 311 32.91 4.47 18.65
N THR A 312 31.95 5.20 19.21
CA THR A 312 31.49 4.98 20.58
C THR A 312 30.65 3.74 20.77
N TRP A 313 29.79 3.49 19.79
CA TRP A 313 28.84 2.40 19.82
C TRP A 313 29.41 1.11 19.20
N GLY A 314 29.53 0.08 20.05
CA GLY A 314 30.03 -1.22 19.64
C GLY A 314 31.44 -1.17 19.10
N ALA A 315 32.31 -0.46 19.81
CA ALA A 315 33.71 -0.29 19.42
C ALA A 315 34.43 -1.60 19.12
N LEU A 316 34.33 -2.56 20.03
CA LEU A 316 35.00 -3.83 19.84
C LEU A 316 34.52 -4.57 18.60
N ARG A 317 33.24 -4.40 18.24
CA ARG A 317 32.66 -5.04 17.04
C ARG A 317 33.37 -4.56 15.76
N TYR A 318 33.59 -3.25 15.65
CA TYR A 318 34.26 -2.69 14.50
C TYR A 318 35.69 -3.25 14.40
N ALA A 319 36.45 -3.09 15.49
CA ALA A 319 37.82 -3.59 15.53
C ALA A 319 37.87 -5.09 15.22
N ALA A 320 36.87 -5.83 15.69
CA ALA A 320 36.78 -7.28 15.44
C ALA A 320 36.48 -7.61 13.98
N ASN A 321 35.60 -6.82 13.36
CA ASN A 321 35.24 -7.03 11.95
C ASN A 321 36.49 -6.81 11.10
N THR A 322 37.24 -5.78 11.44
CA THR A 322 38.46 -5.45 10.72
C THR A 322 39.52 -6.52 10.95
N ALA A 323 39.58 -7.07 12.16
CA ALA A 323 40.54 -8.11 12.52
C ALA A 323 40.34 -9.35 11.66
N PHE A 324 39.06 -9.71 11.44
CA PHE A 324 38.74 -10.85 10.59
C PHE A 324 39.20 -10.61 9.16
N VAL A 325 38.64 -9.59 8.50
CA VAL A 325 39.00 -9.29 7.12
C VAL A 325 40.50 -9.17 6.94
N ALA A 326 41.17 -8.57 7.92
CA ALA A 326 42.62 -8.40 7.90
C ALA A 326 43.30 -9.75 7.76
N LEU A 327 42.87 -10.72 8.57
CA LEU A 327 43.44 -12.07 8.53
C LEU A 327 43.23 -12.72 7.17
N VAL A 328 42.04 -12.53 6.60
CA VAL A 328 41.71 -13.08 5.28
C VAL A 328 42.66 -12.49 4.24
N TYR A 329 42.80 -11.16 4.23
CA TYR A 329 43.68 -10.46 3.29
C TYR A 329 45.15 -10.85 3.50
N ALA A 330 45.53 -11.07 4.75
CA ALA A 330 46.89 -11.46 5.11
C ALA A 330 47.36 -12.73 4.40
N LYS A 331 46.42 -13.57 3.98
CA LYS A 331 46.78 -14.80 3.29
C LYS A 331 46.97 -14.64 1.79
N VAL A 332 46.31 -13.65 1.20
CA VAL A 332 46.39 -13.42 -0.24
C VAL A 332 47.51 -12.49 -0.68
N ILE A 333 47.78 -11.46 0.10
CA ILE A 333 48.84 -10.53 -0.27
C ILE A 333 50.20 -11.19 -0.11
N ASP A 334 51.10 -10.95 -1.06
CA ASP A 334 52.44 -11.52 -1.03
C ASP A 334 53.44 -10.71 -0.22
N ASP A 335 53.19 -9.41 -0.13
CA ASP A 335 54.07 -8.50 0.60
C ASP A 335 54.29 -8.97 2.04
N PRO A 336 55.52 -9.42 2.37
CA PRO A 336 55.87 -9.92 3.70
C PRO A 336 55.60 -8.90 4.81
N VAL A 337 55.93 -7.65 4.53
CA VAL A 337 55.71 -6.57 5.50
C VAL A 337 54.23 -6.36 5.78
N ARG A 338 53.44 -6.15 4.72
CA ARG A 338 52.00 -5.95 4.86
C ARG A 338 51.33 -7.16 5.50
N LYS A 339 51.71 -8.35 5.06
CA LYS A 339 51.16 -9.60 5.60
C LYS A 339 51.35 -9.68 7.12
N GLN A 340 52.53 -9.28 7.59
CA GLN A 340 52.82 -9.31 9.01
C GLN A 340 51.97 -8.28 9.73
N ARG A 341 52.00 -7.05 9.22
CA ARG A 341 51.25 -5.92 9.78
C ARG A 341 49.78 -6.24 10.01
N TYR A 342 49.11 -6.68 8.96
CA TYR A 342 47.70 -6.99 9.04
C TYR A 342 47.41 -8.14 9.99
N HIS A 343 48.15 -9.23 9.84
CA HIS A 343 47.98 -10.41 10.69
C HIS A 343 48.20 -10.09 12.18
N ASP A 344 49.28 -9.38 12.49
CA ASP A 344 49.61 -9.04 13.86
C ASP A 344 48.56 -8.09 14.44
N PHE A 345 48.07 -7.18 13.60
CA PHE A 345 47.05 -6.23 14.00
C PHE A 345 45.80 -6.97 14.45
N ALA A 346 45.39 -7.96 13.66
CA ALA A 346 44.20 -8.76 13.94
C ALA A 346 44.30 -9.51 15.27
N VAL A 347 45.38 -10.26 15.45
CA VAL A 347 45.57 -11.02 16.69
C VAL A 347 45.54 -10.08 17.90
N ARG A 348 46.15 -8.90 17.75
CA ARG A 348 46.18 -7.94 18.85
C ARG A 348 44.76 -7.50 19.22
N GLN A 349 43.99 -7.09 18.22
CA GLN A 349 42.62 -6.64 18.46
C GLN A 349 41.75 -7.73 19.10
N ILE A 350 41.90 -8.98 18.65
CA ILE A 350 41.10 -10.05 19.21
C ILE A 350 41.56 -10.33 20.64
N ASN A 351 42.87 -10.39 20.84
CA ASN A 351 43.44 -10.65 22.18
C ASN A 351 43.00 -9.58 23.16
N TYR A 352 42.94 -8.32 22.69
CA TYR A 352 42.52 -7.21 23.53
C TYR A 352 41.11 -7.52 24.04
N ALA A 353 40.23 -7.92 23.14
CA ALA A 353 38.85 -8.25 23.48
C ALA A 353 38.77 -9.43 24.42
N LEU A 354 39.68 -10.39 24.27
CA LEU A 354 39.68 -11.57 25.13
C LEU A 354 40.37 -11.38 26.50
N GLY A 355 40.93 -10.21 26.75
CA GLY A 355 41.56 -9.98 28.05
C GLY A 355 42.88 -9.26 28.11
N ASP A 356 43.60 -9.20 27.00
CA ASP A 356 44.90 -8.56 26.95
C ASP A 356 44.76 -7.04 26.84
N ASN A 357 44.42 -6.40 27.96
CA ASN A 357 44.23 -4.95 27.97
C ASN A 357 44.65 -4.38 29.33
N PRO A 358 44.63 -3.03 29.50
CA PRO A 358 44.98 -2.40 30.77
C PRO A 358 44.16 -2.87 31.96
N ARG A 359 42.91 -3.28 31.70
CA ARG A 359 42.04 -3.75 32.76
C ARG A 359 42.24 -5.23 33.01
N ASN A 360 42.97 -5.88 32.12
CA ASN A 360 43.26 -7.30 32.24
C ASN A 360 41.94 -8.07 32.38
N SER A 361 40.90 -7.57 31.75
CA SER A 361 39.59 -8.19 31.83
C SER A 361 39.00 -8.53 30.46
N SER A 362 38.20 -9.57 30.43
CA SER A 362 37.57 -10.01 29.20
C SER A 362 36.39 -9.11 28.85
N TYR A 363 36.03 -9.08 27.58
CA TYR A 363 34.91 -8.27 27.13
C TYR A 363 33.88 -9.20 26.53
N VAL A 364 34.12 -10.49 26.72
CA VAL A 364 33.27 -11.57 26.25
C VAL A 364 32.56 -12.14 27.50
N VAL A 365 31.26 -11.90 27.61
CA VAL A 365 30.51 -12.39 28.76
C VAL A 365 30.73 -13.89 28.98
N GLY A 366 30.89 -14.28 30.24
CA GLY A 366 31.10 -15.66 30.60
C GLY A 366 32.44 -16.25 30.20
N PHE A 367 33.36 -15.42 29.72
CA PHE A 367 34.67 -15.93 29.32
C PHE A 367 35.82 -15.14 29.89
N GLY A 368 36.91 -15.83 30.22
CA GLY A 368 38.11 -15.19 30.73
C GLY A 368 38.10 -14.63 32.14
N ASN A 369 39.02 -13.69 32.38
CA ASN A 369 39.15 -13.06 33.68
C ASN A 369 38.34 -11.79 33.80
N ASN A 370 37.60 -11.66 34.90
CA ASN A 370 36.78 -10.49 35.19
C ASN A 370 35.87 -10.08 34.03
N PRO A 371 35.05 -11.02 33.52
CA PRO A 371 34.17 -10.71 32.38
C PRO A 371 32.98 -9.84 32.77
N PRO A 372 32.31 -9.22 31.77
CA PRO A 372 31.13 -8.42 32.09
C PRO A 372 30.06 -9.36 32.66
N ARG A 373 29.30 -8.86 33.62
CA ARG A 373 28.24 -9.65 34.25
C ARG A 373 26.84 -9.12 33.98
N ASN A 374 26.74 -7.83 33.64
CA ASN A 374 25.44 -7.17 33.39
C ASN A 374 25.28 -6.49 32.03
N PRO A 375 25.42 -7.25 30.94
CA PRO A 375 25.18 -6.57 29.66
C PRO A 375 23.72 -6.12 29.52
N HIS A 376 23.49 -5.15 28.63
CA HIS A 376 22.16 -4.61 28.36
C HIS A 376 21.41 -5.66 27.54
N HIS A 377 20.74 -6.59 28.22
CA HIS A 377 20.01 -7.66 27.55
C HIS A 377 18.79 -8.05 28.38
N ARG A 378 17.59 -7.82 27.83
CA ARG A 378 16.35 -8.11 28.54
C ARG A 378 16.18 -9.50 29.14
N THR A 379 16.20 -10.53 28.30
CA THR A 379 16.01 -11.88 28.80
C THR A 379 17.13 -12.37 29.71
N ALA A 380 18.34 -11.90 29.48
CA ALA A 380 19.48 -12.32 30.29
C ALA A 380 19.31 -11.75 31.70
N HIS A 381 18.86 -10.50 31.78
CA HIS A 381 18.65 -9.84 33.05
C HIS A 381 17.59 -10.59 33.86
N GLY A 382 16.44 -10.81 33.24
CA GLY A 382 15.35 -11.53 33.90
C GLY A 382 14.52 -10.72 34.86
N SER A 383 14.31 -9.45 34.54
CA SER A 383 13.52 -8.58 35.38
C SER A 383 12.08 -9.06 35.37
N TRP A 384 11.40 -8.93 36.50
CA TRP A 384 10.00 -9.33 36.58
C TRP A 384 9.11 -8.13 36.90
N THR A 385 9.71 -6.97 37.12
CA THR A 385 8.97 -5.74 37.44
C THR A 385 9.07 -4.63 36.39
N ASP A 386 9.44 -4.99 35.17
CA ASP A 386 9.58 -4.01 34.09
C ASP A 386 10.54 -2.89 34.54
N SER A 387 11.70 -3.30 35.03
CA SER A 387 12.70 -2.36 35.50
C SER A 387 14.09 -2.84 35.12
N ILE A 388 14.88 -1.93 34.56
CA ILE A 388 16.23 -2.26 34.16
C ILE A 388 17.13 -2.28 35.38
N ALA A 389 16.68 -1.64 36.46
CA ALA A 389 17.46 -1.58 37.69
C ALA A 389 17.32 -2.76 38.63
N SER A 390 16.19 -3.45 38.56
CA SER A 390 15.93 -4.61 39.43
C SER A 390 15.69 -5.88 38.64
N PRO A 391 16.37 -6.99 39.02
CA PRO A 391 17.36 -7.09 40.09
C PRO A 391 18.71 -6.45 39.72
N ALA A 392 19.56 -6.27 40.73
CA ALA A 392 20.87 -5.67 40.54
C ALA A 392 21.71 -6.39 39.49
N GLU A 393 21.86 -7.70 39.63
CA GLU A 393 22.66 -8.49 38.70
C GLU A 393 21.80 -9.29 37.73
N ASN A 394 22.26 -9.40 36.48
CA ASN A 394 21.52 -10.18 35.47
C ASN A 394 21.38 -11.60 36.03
N ARG A 395 20.17 -12.14 35.98
CA ARG A 395 19.92 -13.48 36.52
C ARG A 395 20.48 -14.63 35.68
N HIS A 396 21.00 -14.33 34.50
CA HIS A 396 21.54 -15.37 33.63
C HIS A 396 22.89 -14.96 33.09
N VAL A 397 23.69 -15.95 32.68
CA VAL A 397 25.00 -15.68 32.13
C VAL A 397 24.91 -15.86 30.62
N LEU A 398 24.99 -14.75 29.90
CA LEU A 398 24.90 -14.78 28.46
C LEU A 398 26.25 -15.15 27.84
N TYR A 399 26.67 -16.39 28.07
CA TYR A 399 27.94 -16.92 27.58
C TYR A 399 28.24 -16.60 26.13
N GLY A 400 29.46 -16.15 25.87
CA GLY A 400 29.87 -15.85 24.51
C GLY A 400 29.60 -14.47 23.93
N ALA A 401 28.74 -13.69 24.57
CA ALA A 401 28.41 -12.35 24.08
C ALA A 401 29.50 -11.29 24.22
N LEU A 402 29.88 -10.68 23.10
CA LEU A 402 30.91 -9.64 23.07
C LEU A 402 30.28 -8.28 23.29
N VAL A 403 30.65 -7.60 24.38
CA VAL A 403 30.07 -6.28 24.65
C VAL A 403 30.68 -5.20 23.76
N GLY A 404 30.08 -4.01 23.77
CA GLY A 404 30.59 -2.93 22.96
C GLY A 404 32.00 -2.54 23.39
N GLY A 405 32.19 -2.44 24.70
CA GLY A 405 33.51 -2.08 25.23
C GLY A 405 33.76 -0.57 25.24
N PRO A 406 35.01 -0.16 25.48
CA PRO A 406 35.42 1.25 25.55
C PRO A 406 35.04 2.02 24.29
N GLY A 407 34.25 3.06 24.45
CA GLY A 407 33.81 3.85 23.31
C GLY A 407 34.79 4.96 23.00
N SER A 408 35.73 5.18 23.90
CA SER A 408 36.75 6.22 23.74
C SER A 408 38.15 5.62 23.87
N PRO A 409 39.14 6.22 23.21
CA PRO A 409 40.53 5.75 23.25
C PRO A 409 41.26 5.97 24.58
N ASN A 410 40.75 5.37 25.66
CA ASN A 410 41.34 5.51 26.98
C ASN A 410 41.22 4.22 27.78
N ASP A 411 40.83 3.14 27.11
CA ASP A 411 40.67 1.82 27.71
C ASP A 411 39.73 1.80 28.92
N ALA A 412 38.85 2.79 29.05
CA ALA A 412 37.92 2.84 30.18
C ALA A 412 36.63 2.10 29.84
N TYR A 413 36.01 1.53 30.86
CA TYR A 413 34.77 0.79 30.70
C TYR A 413 34.17 0.48 32.07
N THR A 414 32.84 0.41 32.11
CA THR A 414 32.09 0.13 33.32
C THR A 414 30.95 -0.79 32.98
N ASP A 415 30.94 -1.97 33.60
CA ASP A 415 29.91 -2.98 33.39
C ASP A 415 28.54 -2.48 33.89
N ASP A 416 27.98 -1.51 33.18
CA ASP A 416 26.68 -0.93 33.54
C ASP A 416 25.62 -1.39 32.55
N ARG A 417 24.63 -2.11 33.05
CA ARG A 417 23.55 -2.63 32.23
C ARG A 417 22.76 -1.52 31.52
N GLN A 418 22.70 -0.35 32.15
CA GLN A 418 21.96 0.77 31.59
C GLN A 418 22.70 1.51 30.48
N ASP A 419 23.90 1.04 30.15
CA ASP A 419 24.70 1.68 29.11
C ASP A 419 24.63 0.86 27.83
N TYR A 420 23.62 1.11 27.02
CA TYR A 420 23.46 0.36 25.78
C TYR A 420 24.45 0.72 24.68
N VAL A 421 25.15 1.84 24.84
CA VAL A 421 26.12 2.29 23.85
C VAL A 421 27.44 1.52 23.98
N ALA A 422 27.77 1.11 25.20
CA ALA A 422 29.01 0.38 25.46
C ALA A 422 28.80 -1.02 26.01
N ASN A 423 27.65 -1.27 26.64
CA ASN A 423 27.39 -2.57 27.22
C ASN A 423 26.26 -3.39 26.62
N GLU A 424 25.89 -3.09 25.39
CA GLU A 424 24.86 -3.89 24.77
C GLU A 424 25.58 -4.98 24.00
N VAL A 425 24.85 -6.02 23.64
CA VAL A 425 25.37 -7.15 22.89
C VAL A 425 24.50 -7.27 21.64
N ALA A 426 24.94 -8.02 20.63
CA ALA A 426 24.15 -8.15 19.39
C ALA A 426 24.64 -9.25 18.48
N THR A 427 23.75 -9.73 17.60
CA THR A 427 24.09 -10.80 16.68
C THR A 427 25.24 -10.39 15.78
N ASP A 428 25.24 -9.15 15.31
CA ASP A 428 26.30 -8.66 14.44
C ASP A 428 27.62 -8.41 15.17
N TYR A 429 27.55 -8.17 16.48
CA TYR A 429 28.75 -7.91 17.28
C TYR A 429 29.69 -9.11 17.31
N ASN A 430 29.09 -10.29 17.25
CA ASN A 430 29.78 -11.57 17.29
C ASN A 430 30.05 -12.15 15.90
N ALA A 431 29.52 -11.52 14.86
CA ALA A 431 29.69 -12.03 13.50
C ALA A 431 31.15 -12.01 13.07
N GLY A 432 31.73 -10.82 12.98
CA GLY A 432 33.12 -10.71 12.57
C GLY A 432 34.05 -11.33 13.61
N PHE A 433 33.66 -11.19 14.87
CA PHE A 433 34.42 -11.74 15.99
C PHE A 433 34.54 -13.27 15.90
N SER A 434 33.45 -13.94 15.58
CA SER A 434 33.45 -15.39 15.48
C SER A 434 34.31 -15.89 14.33
N SER A 435 34.23 -15.20 13.19
CA SER A 435 35.02 -15.59 12.03
C SER A 435 36.51 -15.44 12.37
N ALA A 436 36.87 -14.37 13.06
CA ALA A 436 38.26 -14.17 13.45
C ALA A 436 38.70 -15.29 14.38
N LEU A 437 37.83 -15.64 15.32
CA LEU A 437 38.13 -16.72 16.26
C LEU A 437 38.40 -18.04 15.54
N ALA A 438 37.61 -18.36 14.53
CA ALA A 438 37.79 -19.61 13.78
C ALA A 438 39.14 -19.64 13.08
N MET A 439 39.58 -18.50 12.56
CA MET A 439 40.88 -18.40 11.87
C MET A 439 41.98 -18.65 12.88
N LEU A 440 41.82 -18.08 14.07
CA LEU A 440 42.82 -18.20 15.12
C LEU A 440 42.90 -19.60 15.73
N VAL A 441 41.79 -20.31 15.74
CA VAL A 441 41.77 -21.68 16.26
C VAL A 441 42.60 -22.54 15.31
N GLU A 442 42.39 -22.35 14.02
CA GLU A 442 43.11 -23.11 13.00
C GLU A 442 44.61 -22.90 13.12
N GLU A 443 45.01 -21.67 13.43
CA GLU A 443 46.42 -21.34 13.54
C GLU A 443 47.09 -21.57 14.89
N TYR A 444 46.49 -21.03 15.95
CA TYR A 444 47.07 -21.17 17.29
C TYR A 444 46.50 -22.28 18.14
N GLY A 445 45.45 -22.93 17.64
CA GLY A 445 44.85 -24.03 18.36
C GLY A 445 43.91 -23.64 19.49
N GLY A 446 43.68 -24.60 20.38
CA GLY A 446 42.81 -24.39 21.53
C GLY A 446 41.93 -25.62 21.70
N THR A 447 41.31 -25.75 22.87
CA THR A 447 40.44 -26.90 23.14
C THR A 447 39.12 -26.50 23.83
N PRO A 448 37.98 -26.96 23.30
CA PRO A 448 36.68 -26.64 23.89
C PRO A 448 36.45 -27.35 25.24
N LEU A 449 35.53 -26.82 26.04
CA LEU A 449 35.20 -27.40 27.35
C LEU A 449 34.28 -28.60 27.15
N ALA A 450 34.67 -29.73 27.73
CA ALA A 450 33.89 -30.95 27.63
C ALA A 450 32.48 -30.73 28.16
N ASP A 451 32.36 -30.26 29.39
CA ASP A 451 31.05 -30.03 29.99
C ASP A 451 30.61 -28.58 29.88
N PHE A 452 29.90 -28.28 28.80
CA PHE A 452 29.40 -26.94 28.53
C PHE A 452 28.10 -27.10 27.73
N PRO A 453 27.06 -26.30 28.05
CA PRO A 453 26.93 -25.24 29.07
C PRO A 453 26.62 -25.78 30.46
N PRO A 454 27.02 -25.05 31.51
CA PRO A 454 26.59 -25.47 32.84
C PRO A 454 25.10 -25.23 32.92
N THR A 455 24.41 -26.00 33.76
CA THR A 455 22.97 -25.86 33.91
C THR A 455 22.69 -24.94 35.09
N GLU A 456 22.21 -23.73 34.82
CA GLU A 456 21.91 -22.78 35.88
C GLU A 456 20.72 -23.29 36.68
N GLU A 457 20.68 -22.93 37.97
CA GLU A 457 19.55 -23.32 38.81
C GLU A 457 18.86 -22.02 39.19
N PRO A 458 17.53 -22.04 39.32
CA PRO A 458 16.79 -20.83 39.68
C PRO A 458 17.33 -20.18 40.95
N ASP A 459 17.27 -18.85 41.00
CA ASP A 459 17.75 -18.10 42.15
C ASP A 459 16.74 -18.07 43.32
N GLY A 460 15.82 -19.02 43.33
CA GLY A 460 14.81 -19.12 44.37
C GLY A 460 13.54 -19.71 43.80
N PRO A 461 12.42 -19.67 44.53
CA PRO A 461 11.13 -20.09 43.97
C PRO A 461 10.80 -19.14 42.81
N GLU A 462 10.23 -19.67 41.75
CA GLU A 462 9.89 -18.86 40.60
C GLU A 462 8.44 -18.42 40.70
N ILE A 463 7.56 -19.39 40.87
CA ILE A 463 6.13 -19.11 41.03
C ILE A 463 5.77 -19.65 42.40
N PHE A 464 5.34 -18.77 43.28
CA PHE A 464 5.01 -19.17 44.63
C PHE A 464 3.91 -18.30 45.21
N VAL A 465 3.57 -18.57 46.47
CA VAL A 465 2.54 -17.84 47.19
C VAL A 465 3.09 -17.38 48.53
N GLU A 466 2.94 -16.10 48.82
CA GLU A 466 3.40 -15.53 50.08
C GLU A 466 2.14 -15.23 50.88
N ALA A 467 2.25 -15.23 52.20
CA ALA A 467 1.09 -14.96 53.03
C ALA A 467 1.46 -14.40 54.39
N GLN A 468 0.48 -13.81 55.05
CA GLN A 468 0.64 -13.25 56.39
C GLN A 468 -0.75 -13.05 56.94
N ILE A 469 -0.87 -13.06 58.25
CA ILE A 469 -2.15 -12.83 58.89
C ILE A 469 -2.42 -11.35 58.69
N ASN A 470 -3.53 -11.03 58.04
CA ASN A 470 -3.90 -9.64 57.76
C ASN A 470 -4.43 -8.95 59.01
N THR A 471 -5.44 -9.57 59.63
CA THR A 471 -6.06 -9.03 60.83
C THR A 471 -6.20 -10.16 61.84
N PRO A 472 -5.73 -9.95 63.07
CA PRO A 472 -5.89 -10.97 64.10
C PRO A 472 -7.36 -11.15 64.48
N GLY A 473 -7.77 -12.40 64.67
CA GLY A 473 -9.15 -12.69 65.04
C GLY A 473 -9.22 -14.03 65.75
N THR A 474 -10.28 -14.26 66.51
CA THR A 474 -10.43 -15.52 67.23
C THR A 474 -11.55 -16.41 66.72
N THR A 475 -12.47 -15.82 65.95
CA THR A 475 -13.57 -16.60 65.38
C THR A 475 -13.40 -16.69 63.87
N PHE A 476 -12.22 -16.29 63.40
CA PHE A 476 -11.91 -16.30 61.98
C PHE A 476 -10.41 -16.18 61.75
N THR A 477 -9.98 -16.50 60.54
CA THR A 477 -8.57 -16.37 60.18
C THR A 477 -8.54 -15.55 58.91
N GLU A 478 -8.03 -14.33 59.00
CA GLU A 478 -7.94 -13.49 57.81
C GLU A 478 -6.53 -13.56 57.26
N ILE A 479 -6.41 -13.99 56.01
CA ILE A 479 -5.12 -14.10 55.37
C ILE A 479 -4.95 -13.08 54.25
N LYS A 480 -3.70 -12.71 54.03
CA LYS A 480 -3.31 -11.80 52.96
C LYS A 480 -2.32 -12.65 52.19
N ALA A 481 -2.78 -13.21 51.07
CA ALA A 481 -1.93 -14.05 50.23
C ALA A 481 -1.49 -13.23 49.03
N MET A 482 -0.28 -13.47 48.54
CA MET A 482 0.24 -12.75 47.40
C MET A 482 0.82 -13.75 46.40
N ILE A 483 0.16 -13.95 45.27
CA ILE A 483 0.68 -14.88 44.27
C ILE A 483 1.80 -14.16 43.54
N ARG A 484 2.90 -14.86 43.29
CA ARG A 484 4.06 -14.30 42.61
C ARG A 484 4.51 -15.15 41.44
N ASN A 485 4.97 -14.48 40.40
CA ASN A 485 5.52 -15.14 39.23
C ASN A 485 6.77 -14.37 38.84
N GLN A 486 7.91 -14.85 39.35
CA GLN A 486 9.22 -14.26 39.14
C GLN A 486 10.07 -15.25 38.35
N SER A 487 9.41 -16.07 37.53
CA SER A 487 10.09 -17.07 36.74
C SER A 487 11.17 -16.54 35.81
N GLY A 488 12.15 -17.39 35.53
CA GLY A 488 13.24 -17.03 34.66
C GLY A 488 13.97 -18.22 34.05
N TRP A 489 13.52 -19.43 34.37
CA TRP A 489 14.13 -20.65 33.85
C TRP A 489 13.15 -21.62 33.16
N PRO A 490 12.45 -21.16 32.11
CA PRO A 490 12.45 -19.77 31.62
C PRO A 490 11.21 -19.04 32.12
N ALA A 491 11.02 -17.80 31.64
CA ALA A 491 9.87 -17.02 32.06
C ALA A 491 8.60 -17.63 31.48
N ARG A 492 7.57 -17.75 32.30
CA ARG A 492 6.34 -18.33 31.82
C ARG A 492 5.09 -17.64 32.34
N MET A 493 4.03 -17.76 31.56
CA MET A 493 2.75 -17.18 31.92
C MET A 493 2.12 -18.11 32.94
N LEU A 494 1.26 -17.56 33.79
CA LEU A 494 0.54 -18.34 34.78
C LEU A 494 -0.87 -17.78 34.67
N ASP A 495 -1.63 -18.24 33.67
CA ASP A 495 -2.98 -17.75 33.46
C ASP A 495 -4.13 -18.66 33.93
N LYS A 496 -3.80 -19.84 34.45
CA LYS A 496 -4.82 -20.75 34.95
C LYS A 496 -4.55 -21.19 36.38
N GLY A 497 -4.25 -20.23 37.23
CA GLY A 497 -3.95 -20.52 38.63
C GLY A 497 -5.10 -20.54 39.63
N THR A 498 -4.94 -21.40 40.63
CA THR A 498 -5.89 -21.56 41.71
C THR A 498 -5.05 -22.02 42.91
N PHE A 499 -5.46 -21.69 44.13
CA PHE A 499 -4.71 -22.18 45.26
C PHE A 499 -5.64 -22.67 46.36
N ARG A 500 -5.15 -23.63 47.14
CA ARG A 500 -5.94 -24.19 48.22
C ARG A 500 -5.38 -23.90 49.60
N TYR A 501 -6.29 -23.61 50.52
CA TYR A 501 -5.96 -23.34 51.91
C TYR A 501 -6.74 -24.39 52.70
N TRP A 502 -6.04 -25.42 53.16
CA TRP A 502 -6.66 -26.48 53.92
C TRP A 502 -6.72 -26.12 55.39
N PHE A 503 -7.82 -26.47 56.02
CA PHE A 503 -8.03 -26.23 57.44
C PHE A 503 -8.82 -27.41 58.01
N THR A 504 -8.74 -27.60 59.32
CA THR A 504 -9.42 -28.70 60.01
C THR A 504 -10.66 -28.21 60.77
N LEU A 505 -11.78 -28.90 60.57
CA LEU A 505 -13.03 -28.55 61.24
C LEU A 505 -12.86 -28.72 62.74
N ASP A 506 -13.33 -27.72 63.47
CA ASP A 506 -13.23 -27.73 64.92
C ASP A 506 -14.51 -28.13 65.63
N GLU A 507 -14.37 -28.54 66.88
CA GLU A 507 -15.51 -28.96 67.69
C GLU A 507 -16.40 -27.73 67.94
N GLY A 508 -17.64 -27.80 67.45
CA GLY A 508 -18.56 -26.70 67.65
C GLY A 508 -18.70 -25.83 66.42
N VAL A 509 -17.89 -26.10 65.39
CA VAL A 509 -17.96 -25.33 64.17
C VAL A 509 -18.71 -26.09 63.08
N ASP A 510 -19.89 -25.58 62.75
CA ASP A 510 -20.75 -26.16 61.74
C ASP A 510 -20.32 -25.62 60.38
N PRO A 511 -19.86 -26.50 59.47
CA PRO A 511 -19.40 -26.06 58.15
C PRO A 511 -20.41 -25.19 57.42
N ALA A 512 -21.70 -25.45 57.66
CA ALA A 512 -22.76 -24.69 57.04
C ALA A 512 -22.64 -23.20 57.39
N ASP A 513 -22.13 -22.92 58.58
CA ASP A 513 -21.98 -21.54 59.06
C ASP A 513 -20.68 -20.86 58.68
N ILE A 514 -19.77 -21.58 58.04
CA ILE A 514 -18.49 -20.98 57.66
C ILE A 514 -18.64 -20.09 56.42
N THR A 515 -18.11 -18.87 56.52
CA THR A 515 -18.17 -17.95 55.39
C THR A 515 -16.78 -17.52 54.96
N VAL A 516 -16.64 -17.23 53.68
CA VAL A 516 -15.37 -16.80 53.12
C VAL A 516 -15.62 -15.46 52.42
N SER A 517 -15.13 -14.38 53.02
CA SER A 517 -15.28 -13.04 52.46
C SER A 517 -13.97 -12.34 52.23
N SER A 518 -14.03 -11.16 51.61
CA SER A 518 -12.84 -10.37 51.32
C SER A 518 -13.21 -8.91 51.13
N ALA A 519 -12.29 -8.02 51.48
CA ALA A 519 -12.49 -6.59 51.32
C ALA A 519 -11.67 -6.15 50.10
N TYR A 520 -10.75 -7.03 49.68
CA TYR A 520 -9.89 -6.78 48.52
C TYR A 520 -9.39 -8.12 47.99
N ASN A 521 -9.74 -8.43 46.75
CA ASN A 521 -9.36 -9.70 46.15
C ASN A 521 -9.26 -9.50 44.64
N GLN A 522 -8.07 -9.65 44.06
CA GLN A 522 -7.91 -9.49 42.62
C GLN A 522 -8.37 -10.72 41.85
N CYS A 523 -8.65 -11.79 42.58
CA CYS A 523 -9.15 -13.04 42.01
C CYS A 523 -10.56 -13.22 42.55
N ALA A 524 -11.20 -14.35 42.27
CA ALA A 524 -12.56 -14.57 42.74
C ALA A 524 -12.64 -14.90 44.22
N THR A 525 -13.80 -14.59 44.81
CA THR A 525 -14.10 -14.82 46.21
C THR A 525 -15.18 -15.92 46.27
N PRO A 526 -14.84 -17.10 46.81
CA PRO A 526 -15.72 -18.27 46.83
C PRO A 526 -16.84 -18.18 47.87
N GLU A 527 -17.96 -18.83 47.58
CA GLU A 527 -19.10 -18.82 48.49
C GLU A 527 -19.04 -19.94 49.52
N ASP A 528 -18.65 -21.13 49.10
CA ASP A 528 -18.59 -22.28 50.00
C ASP A 528 -17.22 -22.92 50.15
N VAL A 529 -17.11 -23.88 51.06
CA VAL A 529 -15.86 -24.59 51.29
C VAL A 529 -15.94 -26.01 50.76
N HIS A 530 -14.84 -26.73 50.78
CA HIS A 530 -14.82 -28.08 50.21
C HIS A 530 -14.34 -29.16 51.17
N HIS A 531 -15.23 -30.10 51.45
CA HIS A 531 -14.93 -31.21 52.33
C HIS A 531 -14.14 -32.25 51.56
N VAL A 532 -13.01 -32.68 52.13
CA VAL A 532 -12.14 -33.69 51.55
C VAL A 532 -12.51 -35.03 52.17
N SER A 533 -12.24 -35.16 53.46
CA SER A 533 -12.53 -36.37 54.22
C SER A 533 -12.41 -36.04 55.69
N GLY A 534 -13.23 -36.68 56.51
CA GLY A 534 -13.19 -36.45 57.94
C GLY A 534 -13.39 -34.99 58.28
N ASP A 535 -12.45 -34.42 59.02
CA ASP A 535 -12.50 -33.01 59.42
C ASP A 535 -11.69 -32.12 58.49
N LEU A 536 -11.20 -32.68 57.38
CA LEU A 536 -10.41 -31.91 56.44
C LEU A 536 -11.26 -31.22 55.38
N TYR A 537 -11.08 -29.91 55.27
CA TYR A 537 -11.79 -29.07 54.30
C TYR A 537 -10.76 -28.12 53.69
N TYR A 538 -11.14 -27.48 52.58
CA TYR A 538 -10.25 -26.50 51.94
C TYR A 538 -11.01 -25.39 51.20
N VAL A 539 -10.40 -24.22 51.18
CA VAL A 539 -10.94 -23.05 50.50
C VAL A 539 -10.18 -22.95 49.19
N GLU A 540 -10.89 -22.79 48.08
CA GLU A 540 -10.22 -22.68 46.79
C GLU A 540 -10.40 -21.31 46.18
N ILE A 541 -9.28 -20.60 45.98
CA ILE A 541 -9.30 -19.28 45.36
C ILE A 541 -9.01 -19.49 43.87
N ASP A 542 -9.86 -18.92 43.01
CA ASP A 542 -9.74 -19.06 41.56
C ASP A 542 -9.19 -17.80 40.88
N CYS A 543 -8.02 -17.93 40.27
CA CYS A 543 -7.37 -16.81 39.58
C CYS A 543 -7.25 -17.06 38.08
N THR A 544 -7.97 -18.05 37.57
CA THR A 544 -7.91 -18.36 36.13
C THR A 544 -8.40 -17.13 35.36
N GLY A 545 -7.70 -16.79 34.27
CA GLY A 545 -8.09 -15.64 33.48
C GLY A 545 -7.15 -14.50 33.77
N GLU A 546 -6.61 -14.50 34.98
CA GLU A 546 -5.66 -13.46 35.37
C GLU A 546 -4.31 -13.85 34.75
N LYS A 547 -3.70 -12.93 34.04
CA LYS A 547 -2.41 -13.20 33.42
C LYS A 547 -1.32 -12.73 34.35
N ILE A 548 -0.75 -13.66 35.10
CA ILE A 548 0.31 -13.36 36.05
C ILE A 548 1.63 -13.71 35.36
N PHE A 549 2.43 -12.70 35.03
CA PHE A 549 3.72 -12.95 34.37
C PHE A 549 4.81 -11.98 34.78
N PRO A 550 6.09 -12.40 34.70
CA PRO A 550 7.23 -11.55 35.09
C PRO A 550 7.51 -10.43 34.08
N GLY A 551 6.62 -9.45 34.04
CA GLY A 551 6.79 -8.34 33.11
C GLY A 551 6.20 -7.04 33.61
N GLY A 552 6.18 -6.85 34.92
CA GLY A 552 5.62 -5.63 35.45
C GLY A 552 5.33 -5.72 36.93
N GLN A 553 5.13 -4.57 37.56
CA GLN A 553 4.85 -4.51 38.98
C GLN A 553 3.54 -5.20 39.36
N SER A 554 2.46 -4.83 38.69
CA SER A 554 1.13 -5.41 38.94
C SER A 554 0.91 -6.69 38.15
N GLU A 555 1.67 -6.87 37.08
CA GLU A 555 1.54 -8.04 36.22
C GLU A 555 2.03 -9.35 36.80
N HIS A 556 3.13 -9.30 37.53
CA HIS A 556 3.69 -10.52 38.10
C HIS A 556 3.04 -11.04 39.38
N ARG A 557 2.10 -10.29 39.95
CA ARG A 557 1.48 -10.70 41.20
C ARG A 557 -0.01 -10.39 41.31
N ARG A 558 -0.68 -11.15 42.15
CA ARG A 558 -2.10 -10.94 42.41
C ARG A 558 -2.30 -10.98 43.91
N GLU A 559 -2.89 -9.92 44.46
CA GLU A 559 -3.14 -9.87 45.89
C GLU A 559 -4.52 -10.39 46.18
N VAL A 560 -4.60 -11.29 47.15
CA VAL A 560 -5.86 -11.92 47.55
C VAL A 560 -6.00 -11.92 49.06
N GLN A 561 -6.93 -11.14 49.59
CA GLN A 561 -7.17 -11.13 51.03
C GLN A 561 -8.42 -11.97 51.18
N PHE A 562 -8.45 -12.81 52.21
CA PHE A 562 -9.61 -13.68 52.44
C PHE A 562 -9.80 -14.04 53.90
N ARG A 563 -11.02 -13.86 54.38
CA ARG A 563 -11.34 -14.18 55.76
C ARG A 563 -12.21 -15.41 55.82
N ILE A 564 -11.81 -16.40 56.61
CA ILE A 564 -12.61 -17.60 56.79
C ILE A 564 -13.20 -17.48 58.20
N ALA A 565 -14.47 -17.08 58.28
CA ALA A 565 -15.14 -16.90 59.55
C ALA A 565 -15.87 -18.18 59.94
N GLY A 566 -15.47 -18.78 61.07
CA GLY A 566 -16.12 -20.01 61.51
C GLY A 566 -16.93 -19.88 62.79
N GLY A 567 -16.91 -18.70 63.40
CA GLY A 567 -17.65 -18.49 64.63
C GLY A 567 -16.91 -18.99 65.85
N PRO A 568 -17.53 -18.93 67.04
CA PRO A 568 -16.89 -19.40 68.27
C PRO A 568 -16.60 -20.90 68.18
N GLY A 569 -15.37 -21.27 68.49
CA GLY A 569 -14.97 -22.66 68.42
C GLY A 569 -13.90 -22.78 67.35
N TRP A 570 -13.86 -21.82 66.44
CA TRP A 570 -12.88 -21.79 65.37
C TRP A 570 -11.47 -21.79 65.99
N ASP A 571 -10.64 -22.72 65.52
CA ASP A 571 -9.27 -22.87 66.03
C ASP A 571 -8.31 -23.14 64.87
N PRO A 572 -7.46 -22.16 64.53
CA PRO A 572 -6.51 -22.27 63.42
C PRO A 572 -5.24 -23.07 63.72
N SER A 573 -5.01 -23.40 64.98
CA SER A 573 -3.79 -24.13 65.35
C SER A 573 -3.70 -25.53 64.80
N ASN A 574 -4.83 -26.14 64.45
CA ASN A 574 -4.77 -27.48 63.89
C ASN A 574 -4.97 -27.45 62.40
N ASP A 575 -4.89 -26.26 61.79
CA ASP A 575 -5.08 -26.12 60.36
C ASP A 575 -3.77 -26.29 59.60
N TRP A 576 -3.82 -27.12 58.56
CA TRP A 576 -2.66 -27.41 57.73
C TRP A 576 -2.02 -26.18 57.10
N SER A 577 -2.78 -25.46 56.30
CA SER A 577 -2.24 -24.28 55.63
C SER A 577 -1.83 -23.13 56.54
N PHE A 578 -2.23 -23.18 57.81
CA PHE A 578 -1.89 -22.12 58.75
C PHE A 578 -0.45 -22.21 59.31
N GLN A 579 0.13 -23.39 59.24
CA GLN A 579 1.50 -23.61 59.76
C GLN A 579 2.50 -22.64 59.15
N GLY A 580 3.17 -21.85 59.98
CA GLY A 580 4.17 -20.93 59.49
C GLY A 580 3.79 -19.51 59.12
N ILE A 581 2.49 -19.25 58.96
CA ILE A 581 2.04 -17.91 58.60
C ILE A 581 2.16 -16.96 59.79
N GLY A 582 3.02 -15.98 59.64
CA GLY A 582 3.24 -15.00 60.70
C GLY A 582 2.67 -13.66 60.34
N ASN A 583 3.25 -12.60 60.91
CA ASN A 583 2.78 -11.25 60.65
C ASN A 583 3.51 -10.54 59.52
N GLU A 584 4.53 -11.20 58.96
CA GLU A 584 5.28 -10.62 57.86
C GLU A 584 4.99 -11.45 56.62
N LEU A 585 4.87 -10.79 55.48
CA LEU A 585 4.60 -11.48 54.23
C LEU A 585 5.81 -12.37 53.95
N ALA A 586 5.57 -13.67 53.77
CA ALA A 586 6.64 -14.62 53.51
C ALA A 586 6.09 -15.84 52.78
N PRO A 587 6.94 -16.58 52.06
CA PRO A 587 6.47 -17.76 51.32
C PRO A 587 5.71 -18.69 52.25
N ALA A 588 4.55 -19.15 51.78
CA ALA A 588 3.71 -20.06 52.55
C ALA A 588 3.78 -21.43 51.91
N PRO A 589 4.67 -22.28 52.43
CA PRO A 589 4.90 -23.62 51.87
C PRO A 589 3.68 -24.52 51.88
N TYR A 590 2.71 -24.23 52.76
CA TYR A 590 1.53 -25.10 52.87
C TYR A 590 0.26 -24.67 52.16
N ILE A 591 0.38 -23.67 51.30
CA ILE A 591 -0.74 -23.23 50.48
C ILE A 591 -0.28 -23.72 49.10
N VAL A 592 -1.04 -24.62 48.50
CA VAL A 592 -0.67 -25.17 47.21
C VAL A 592 -1.23 -24.35 46.05
N LEU A 593 -0.34 -23.98 45.13
CA LEU A 593 -0.69 -23.19 43.95
C LEU A 593 -0.72 -24.15 42.76
N TYR A 594 -1.82 -24.16 42.00
CA TYR A 594 -1.93 -25.06 40.87
C TYR A 594 -2.06 -24.35 39.53
N ASP A 595 -1.28 -24.78 38.56
CA ASP A 595 -1.36 -24.24 37.22
C ASP A 595 -2.19 -25.21 36.40
N ASP A 596 -3.46 -24.88 36.20
CA ASP A 596 -4.38 -25.72 35.42
C ASP A 596 -4.54 -27.11 36.07
N GLY A 597 -4.66 -27.13 37.40
CA GLY A 597 -4.83 -28.37 38.11
C GLY A 597 -3.53 -29.03 38.53
N VAL A 598 -2.41 -28.56 38.01
CA VAL A 598 -1.11 -29.12 38.35
C VAL A 598 -0.40 -28.30 39.42
N PRO A 599 0.01 -28.95 40.53
CA PRO A 599 0.70 -28.30 41.64
C PRO A 599 2.04 -27.70 41.20
N VAL A 600 2.21 -26.41 41.47
CA VAL A 600 3.45 -25.71 41.10
C VAL A 600 4.23 -25.29 42.36
N TRP A 601 3.53 -25.14 43.48
CA TRP A 601 4.16 -24.73 44.72
C TRP A 601 3.39 -25.28 45.91
N GLY A 602 4.10 -25.44 47.02
CA GLY A 602 3.50 -25.92 48.24
C GLY A 602 3.33 -27.41 48.30
N THR A 603 3.00 -27.89 49.49
CA THR A 603 2.78 -29.31 49.72
C THR A 603 1.37 -29.48 50.30
N ALA A 604 0.65 -30.46 49.76
CA ALA A 604 -0.70 -30.74 50.21
C ALA A 604 -0.67 -31.67 51.41
N PRO A 605 -1.78 -31.75 52.17
CA PRO A 605 -1.91 -32.64 53.33
C PRO A 605 -1.83 -34.10 52.92
N GLU B 1 -31.18 18.90 9.37
CA GLU B 1 -31.44 18.24 8.07
C GLU B 1 -30.72 19.05 7.00
N PRO B 2 -30.27 18.38 5.92
CA PRO B 2 -29.57 19.08 4.84
C PRO B 2 -30.50 19.99 4.05
N ALA B 3 -29.98 21.13 3.61
CA ALA B 3 -30.76 22.07 2.82
C ALA B 3 -31.13 21.38 1.51
N PHE B 4 -30.19 20.61 0.99
CA PHE B 4 -30.40 19.89 -0.25
C PHE B 4 -29.98 18.46 -0.02
N ASN B 5 -30.61 17.53 -0.72
CA ASN B 5 -30.26 16.12 -0.56
C ASN B 5 -28.95 15.83 -1.27
N TYR B 6 -27.84 16.02 -0.58
CA TYR B 6 -26.51 15.79 -1.14
C TYR B 6 -26.30 14.35 -1.63
N ALA B 7 -26.87 13.38 -0.91
CA ALA B 7 -26.75 11.98 -1.28
C ALA B 7 -27.34 11.72 -2.66
N GLU B 8 -28.47 12.37 -2.95
CA GLU B 8 -29.13 12.22 -4.25
C GLU B 8 -28.24 12.83 -5.33
N ALA B 9 -27.83 14.07 -5.13
CA ALA B 9 -26.95 14.77 -6.08
C ALA B 9 -25.73 13.91 -6.39
N LEU B 10 -25.11 13.35 -5.35
CA LEU B 10 -23.95 12.50 -5.51
C LEU B 10 -24.33 11.28 -6.36
N GLN B 11 -25.45 10.65 -6.03
CA GLN B 11 -25.96 9.49 -6.74
C GLN B 11 -26.09 9.76 -8.24
N LYS B 12 -26.65 10.92 -8.58
CA LYS B 12 -26.81 11.29 -9.98
C LYS B 12 -25.47 11.65 -10.62
N SER B 13 -24.54 12.17 -9.82
CA SER B 13 -23.22 12.53 -10.32
C SER B 13 -22.53 11.29 -10.87
N MET B 14 -22.61 10.19 -10.12
CA MET B 14 -21.99 8.94 -10.54
C MET B 14 -22.61 8.44 -11.84
N PHE B 15 -23.92 8.62 -11.98
CA PHE B 15 -24.66 8.21 -13.19
C PHE B 15 -24.13 8.97 -14.40
N PHE B 16 -23.88 10.27 -14.22
CA PHE B 16 -23.35 11.14 -15.28
C PHE B 16 -22.06 10.57 -15.83
N TYR B 17 -21.13 10.19 -14.95
CA TYR B 17 -19.87 9.61 -15.39
C TYR B 17 -20.09 8.36 -16.21
N GLU B 18 -21.06 7.55 -15.82
CA GLU B 18 -21.37 6.33 -16.55
C GLU B 18 -21.85 6.70 -17.98
N ALA B 19 -22.59 7.80 -18.09
CA ALA B 19 -23.10 8.26 -19.39
C ALA B 19 -21.99 8.81 -20.30
N GLN B 20 -20.85 9.12 -19.70
CA GLN B 20 -19.68 9.65 -20.42
C GLN B 20 -18.77 8.52 -20.94
N ARG B 21 -19.12 7.28 -20.62
CA ARG B 21 -18.31 6.14 -21.05
C ARG B 21 -18.18 5.96 -22.56
N SER B 22 -17.06 5.39 -22.96
CA SER B 22 -16.77 5.11 -24.36
C SER B 22 -16.37 3.64 -24.43
N GLY B 23 -16.45 3.06 -25.62
CA GLY B 23 -16.08 1.66 -25.78
C GLY B 23 -17.25 0.72 -25.67
N LYS B 24 -16.93 -0.57 -25.50
CA LYS B 24 -17.96 -1.58 -25.38
C LYS B 24 -18.57 -1.56 -23.98
N LEU B 25 -19.82 -1.13 -23.92
CA LEU B 25 -20.54 -1.04 -22.66
C LEU B 25 -20.92 -2.42 -22.11
N PRO B 26 -20.77 -2.60 -20.78
CA PRO B 26 -21.10 -3.83 -20.06
C PRO B 26 -22.58 -4.18 -20.12
N GLU B 27 -22.92 -5.39 -19.72
CA GLU B 27 -24.32 -5.83 -19.71
C GLU B 27 -25.12 -5.03 -18.69
N ASN B 28 -24.46 -4.71 -17.57
CA ASN B 28 -25.09 -3.97 -16.48
C ASN B 28 -25.27 -2.46 -16.70
N ASN B 29 -25.05 -2.01 -17.93
CA ASN B 29 -25.19 -0.59 -18.25
C ASN B 29 -26.49 0.03 -17.72
N ARG B 30 -26.35 1.10 -16.95
CA ARG B 30 -27.50 1.79 -16.37
C ARG B 30 -28.13 2.87 -17.27
N VAL B 31 -27.38 3.32 -18.26
CA VAL B 31 -27.84 4.36 -19.19
C VAL B 31 -28.42 3.70 -20.44
N SER B 32 -29.74 3.55 -20.47
CA SER B 32 -30.43 2.92 -21.60
C SER B 32 -30.20 3.56 -22.96
N TRP B 33 -29.89 4.86 -22.98
CA TRP B 33 -29.69 5.56 -24.25
C TRP B 33 -28.24 5.62 -24.73
N ARG B 34 -27.38 4.82 -24.09
CA ARG B 34 -25.97 4.76 -24.45
C ARG B 34 -25.63 3.36 -24.97
N GLY B 35 -24.94 3.30 -26.11
CA GLY B 35 -24.56 2.03 -26.71
C GLY B 35 -23.08 2.03 -27.00
N ASP B 36 -22.59 0.99 -27.66
CA ASP B 36 -21.16 0.91 -27.97
C ASP B 36 -20.73 2.04 -28.91
N SER B 37 -19.52 2.53 -28.71
CA SER B 37 -18.96 3.61 -29.52
C SER B 37 -17.43 3.62 -29.42
N GLY B 38 -16.80 4.22 -30.41
CA GLY B 38 -15.35 4.30 -30.43
C GLY B 38 -14.75 2.93 -30.34
N LEU B 39 -15.35 1.99 -31.07
CA LEU B 39 -14.90 0.61 -31.05
C LEU B 39 -13.61 0.39 -31.85
N ASN B 40 -13.22 1.37 -32.65
CA ASN B 40 -11.99 1.23 -33.44
C ASN B 40 -10.89 2.16 -32.96
N ASP B 41 -11.00 2.57 -31.70
CA ASP B 41 -10.01 3.46 -31.11
C ASP B 41 -8.69 2.74 -30.92
N GLY B 42 -7.63 3.29 -31.50
CA GLY B 42 -6.32 2.69 -31.39
C GLY B 42 -5.93 1.89 -32.61
N ALA B 43 -6.92 1.54 -33.44
CA ALA B 43 -6.69 0.74 -34.63
C ALA B 43 -5.56 1.28 -35.51
N ASP B 44 -5.53 2.59 -35.67
CA ASP B 44 -4.52 3.24 -36.49
C ASP B 44 -3.08 2.95 -36.04
N VAL B 45 -2.92 2.63 -34.76
CA VAL B 45 -1.60 2.34 -34.20
C VAL B 45 -1.54 0.88 -33.76
N GLY B 46 -2.44 0.07 -34.27
CA GLY B 46 -2.49 -1.34 -33.94
C GLY B 46 -2.66 -1.65 -32.48
N LEU B 47 -3.38 -0.81 -31.75
CA LEU B 47 -3.62 -1.03 -30.34
C LEU B 47 -5.09 -0.89 -30.00
N ASP B 48 -5.47 -1.47 -28.86
CA ASP B 48 -6.83 -1.38 -28.41
C ASP B 48 -6.86 -0.24 -27.41
N LEU B 49 -7.47 0.86 -27.82
CA LEU B 49 -7.58 2.01 -26.94
C LEU B 49 -9.05 2.36 -26.74
N THR B 50 -9.88 1.32 -26.70
CA THR B 50 -11.30 1.50 -26.49
C THR B 50 -11.53 1.68 -25.00
N GLY B 51 -12.57 2.40 -24.63
CA GLY B 51 -12.87 2.60 -23.23
C GLY B 51 -12.60 4.04 -22.85
N GLY B 52 -12.50 4.32 -21.55
CA GLY B 52 -12.26 5.68 -21.12
C GLY B 52 -13.51 6.51 -21.08
N TRP B 53 -13.33 7.82 -21.00
CA TRP B 53 -14.45 8.75 -20.91
C TRP B 53 -14.41 9.86 -21.94
N TYR B 54 -15.59 10.25 -22.41
CA TYR B 54 -15.68 11.37 -23.33
C TYR B 54 -15.47 12.56 -22.40
N ASP B 55 -14.63 13.48 -22.84
CA ASP B 55 -14.27 14.66 -22.09
C ASP B 55 -15.41 15.59 -21.65
N ALA B 56 -16.16 16.10 -22.61
CA ALA B 56 -17.26 17.02 -22.29
C ALA B 56 -18.52 16.70 -23.09
N GLY B 57 -18.99 17.66 -23.90
CA GLY B 57 -20.15 17.44 -24.73
C GLY B 57 -19.70 16.88 -26.07
N ASP B 58 -18.38 16.87 -26.29
CA ASP B 58 -17.76 16.35 -27.51
C ASP B 58 -17.36 14.89 -27.36
N HIS B 59 -16.63 14.35 -28.33
CA HIS B 59 -16.22 12.96 -28.26
C HIS B 59 -14.71 12.64 -28.25
N VAL B 60 -13.89 13.68 -28.13
CA VAL B 60 -12.44 13.47 -28.10
C VAL B 60 -12.04 13.04 -26.69
N LYS B 61 -11.23 11.99 -26.61
CA LYS B 61 -10.76 11.51 -25.31
C LYS B 61 -9.46 12.18 -24.92
N PHE B 62 -9.57 13.34 -24.29
CA PHE B 62 -8.40 14.10 -23.85
C PHE B 62 -7.85 13.49 -22.56
N GLY B 63 -6.63 12.99 -22.64
CA GLY B 63 -5.98 12.34 -21.52
C GLY B 63 -5.65 13.22 -20.32
N PHE B 64 -5.29 14.47 -20.54
CA PHE B 64 -4.94 15.37 -19.42
C PHE B 64 -6.11 15.56 -18.42
N PRO B 65 -7.23 16.17 -18.85
CA PRO B 65 -8.36 16.33 -17.92
C PRO B 65 -9.01 15.00 -17.49
N MET B 66 -8.83 13.95 -18.29
CA MET B 66 -9.41 12.65 -17.92
C MET B 66 -8.64 12.10 -16.70
N ALA B 67 -7.32 12.28 -16.70
CA ALA B 67 -6.49 11.82 -15.59
C ALA B 67 -6.77 12.64 -14.33
N PHE B 68 -6.86 13.96 -14.50
CA PHE B 68 -7.13 14.83 -13.36
C PHE B 68 -8.45 14.48 -12.68
N THR B 69 -9.50 14.30 -13.48
CA THR B 69 -10.82 13.95 -12.95
C THR B 69 -10.68 12.71 -12.05
N ALA B 70 -9.94 11.73 -12.53
CA ALA B 70 -9.69 10.50 -11.81
C ALA B 70 -9.02 10.75 -10.46
N THR B 71 -7.98 11.57 -10.44
CA THR B 71 -7.29 11.87 -9.19
C THR B 71 -8.22 12.58 -8.21
N MET B 72 -9.02 13.52 -8.69
CA MET B 72 -9.95 14.26 -7.84
C MET B 72 -11.03 13.35 -7.24
N LEU B 73 -11.54 12.44 -8.07
CA LEU B 73 -12.57 11.49 -7.62
C LEU B 73 -11.97 10.58 -6.57
N ALA B 74 -10.77 10.07 -6.84
CA ALA B 74 -10.11 9.20 -5.89
C ALA B 74 -9.89 9.97 -4.58
N TRP B 75 -9.31 11.17 -4.71
CA TRP B 75 -9.05 12.01 -3.55
C TRP B 75 -10.27 12.12 -2.63
N GLY B 76 -11.40 12.52 -3.19
CA GLY B 76 -12.62 12.64 -2.40
C GLY B 76 -13.02 11.37 -1.68
N ALA B 77 -12.83 10.22 -2.34
CA ALA B 77 -13.16 8.91 -1.78
C ALA B 77 -12.22 8.55 -0.63
N ILE B 78 -11.01 9.09 -0.66
CA ILE B 78 -10.04 8.84 0.40
C ILE B 78 -10.37 9.75 1.58
N GLU B 79 -10.78 10.98 1.29
CA GLU B 79 -11.15 11.93 2.33
C GLU B 79 -12.42 11.51 3.06
N SER B 80 -13.47 11.24 2.30
CA SER B 80 -14.74 10.84 2.91
C SER B 80 -15.26 9.52 2.34
N PRO B 81 -14.64 8.39 2.72
CA PRO B 81 -15.19 7.11 2.26
C PRO B 81 -16.59 6.85 2.79
N GLU B 82 -16.87 7.36 3.99
CA GLU B 82 -18.18 7.19 4.60
C GLU B 82 -19.24 7.89 3.76
N GLY B 83 -18.91 9.04 3.20
CA GLY B 83 -19.85 9.76 2.36
C GLY B 83 -20.35 8.86 1.25
N TYR B 84 -19.42 8.17 0.59
CA TYR B 84 -19.77 7.25 -0.50
C TYR B 84 -20.48 6.01 -0.01
N ILE B 85 -20.15 5.56 1.19
CA ILE B 85 -20.79 4.38 1.77
C ILE B 85 -22.23 4.70 2.13
N ARG B 86 -22.44 5.77 2.89
CA ARG B 86 -23.77 6.19 3.32
C ARG B 86 -24.76 6.43 2.19
N SER B 87 -24.33 7.16 1.16
CA SER B 87 -25.21 7.43 0.02
C SER B 87 -25.38 6.17 -0.85
N GLY B 88 -24.66 5.12 -0.51
CA GLY B 88 -24.72 3.88 -1.25
C GLY B 88 -24.09 4.00 -2.63
N GLN B 89 -23.20 4.96 -2.79
CA GLN B 89 -22.56 5.19 -4.09
C GLN B 89 -21.13 4.68 -4.18
N MET B 90 -20.59 4.16 -3.06
CA MET B 90 -19.24 3.61 -3.05
C MET B 90 -18.97 2.61 -4.19
N PRO B 91 -19.90 1.64 -4.41
CA PRO B 91 -19.69 0.67 -5.48
C PRO B 91 -19.65 1.27 -6.88
N TYR B 92 -20.41 2.34 -7.10
CA TYR B 92 -20.43 3.03 -8.39
C TYR B 92 -19.15 3.83 -8.61
N LEU B 93 -18.68 4.47 -7.54
CA LEU B 93 -17.44 5.23 -7.64
C LEU B 93 -16.31 4.27 -8.03
N LYS B 94 -16.21 3.17 -7.32
CA LYS B 94 -15.18 2.18 -7.62
C LYS B 94 -15.34 1.66 -9.05
N ASP B 95 -16.58 1.53 -9.47
CA ASP B 95 -16.88 1.06 -10.83
C ASP B 95 -16.41 2.09 -11.86
N ASN B 96 -16.67 3.37 -11.60
CA ASN B 96 -16.26 4.42 -12.52
C ASN B 96 -14.73 4.55 -12.58
N LEU B 97 -14.10 4.57 -11.42
CA LEU B 97 -12.64 4.67 -11.33
C LEU B 97 -11.95 3.50 -12.05
N ARG B 98 -12.51 2.30 -11.89
CA ARG B 98 -11.94 1.12 -12.55
C ARG B 98 -12.05 1.31 -14.06
N TRP B 99 -13.16 1.86 -14.52
CA TRP B 99 -13.36 2.07 -15.95
C TRP B 99 -12.25 2.95 -16.54
N VAL B 100 -12.01 4.11 -15.95
CA VAL B 100 -10.98 5.00 -16.47
C VAL B 100 -9.55 4.44 -16.30
N ASN B 101 -9.30 3.76 -15.19
CA ASN B 101 -7.98 3.20 -14.95
C ASN B 101 -7.66 2.02 -15.88
N ASP B 102 -8.67 1.26 -16.28
CA ASP B 102 -8.43 0.16 -17.20
C ASP B 102 -7.94 0.74 -18.52
N TYR B 103 -8.50 1.87 -18.90
CA TYR B 103 -8.09 2.57 -20.12
C TYR B 103 -6.66 3.09 -20.01
N PHE B 104 -6.33 3.66 -18.86
CA PHE B 104 -4.97 4.17 -18.64
C PHE B 104 -3.94 3.06 -18.79
N ILE B 105 -4.31 1.85 -18.40
CA ILE B 105 -3.41 0.70 -18.53
C ILE B 105 -3.26 0.41 -20.02
N LYS B 106 -4.38 0.41 -20.73
CA LYS B 106 -4.39 0.17 -22.17
C LYS B 106 -3.51 1.19 -22.89
N ALA B 107 -3.60 2.45 -22.44
CA ALA B 107 -2.85 3.56 -23.01
C ALA B 107 -1.37 3.62 -22.65
N HIS B 108 -0.92 2.71 -21.78
CA HIS B 108 0.49 2.68 -21.38
C HIS B 108 1.11 1.33 -21.77
N PRO B 109 1.39 1.15 -23.06
CA PRO B 109 1.95 -0.09 -23.62
C PRO B 109 3.39 -0.38 -23.22
N SER B 110 4.08 0.63 -22.68
CA SER B 110 5.46 0.49 -22.22
C SER B 110 5.78 1.62 -21.26
N PRO B 111 6.76 1.43 -20.36
CA PRO B 111 7.08 2.42 -19.33
C PRO B 111 7.18 3.87 -19.76
N ASN B 112 7.82 4.15 -20.89
CA ASN B 112 7.97 5.52 -21.36
C ASN B 112 7.08 5.92 -22.55
N VAL B 113 5.93 5.28 -22.69
CA VAL B 113 5.01 5.59 -23.80
C VAL B 113 3.59 5.69 -23.25
N LEU B 114 2.93 6.82 -23.47
CA LEU B 114 1.57 7.02 -22.98
C LEU B 114 0.68 7.67 -24.05
N TYR B 115 -0.44 7.02 -24.35
CA TYR B 115 -1.37 7.59 -25.32
C TYR B 115 -2.23 8.57 -24.55
N VAL B 116 -2.13 9.83 -24.95
CA VAL B 116 -2.84 10.91 -24.27
C VAL B 116 -4.04 11.45 -25.02
N GLN B 117 -4.29 10.95 -26.22
CA GLN B 117 -5.44 11.44 -26.98
C GLN B 117 -5.86 10.53 -28.13
N VAL B 118 -7.17 10.41 -28.30
CA VAL B 118 -7.76 9.63 -29.36
C VAL B 118 -8.87 10.55 -29.88
N GLY B 119 -8.69 11.02 -31.11
CA GLY B 119 -9.66 11.92 -31.73
C GLY B 119 -9.04 13.25 -32.10
N ASP B 120 -9.58 13.90 -33.12
CA ASP B 120 -9.09 15.21 -33.54
C ASP B 120 -10.11 16.27 -33.08
N GLY B 121 -9.64 17.24 -32.31
CA GLY B 121 -10.53 18.27 -31.79
C GLY B 121 -11.40 18.97 -32.82
N ASP B 122 -10.80 19.40 -33.93
CA ASP B 122 -11.53 20.11 -34.97
C ASP B 122 -12.53 19.24 -35.71
N ALA B 123 -12.08 18.10 -36.22
CA ALA B 123 -12.97 17.21 -36.96
C ALA B 123 -14.14 16.77 -36.09
N ASP B 124 -13.83 16.39 -34.86
CA ASP B 124 -14.85 15.93 -33.91
C ASP B 124 -15.88 17.00 -33.55
N HIS B 125 -15.46 18.26 -33.57
CA HIS B 125 -16.38 19.34 -33.24
C HIS B 125 -17.21 19.81 -34.44
N LYS B 126 -16.79 19.47 -35.65
CA LYS B 126 -17.54 19.87 -36.84
C LYS B 126 -18.84 19.08 -37.02
N TRP B 127 -18.94 17.94 -36.36
CA TRP B 127 -20.11 17.08 -36.45
C TRP B 127 -20.92 17.10 -35.15
N TRP B 128 -22.24 17.13 -35.28
CA TRP B 128 -23.11 17.18 -34.12
C TRP B 128 -24.08 16.00 -34.14
N GLY B 129 -23.79 14.98 -33.36
CA GLY B 129 -24.65 13.81 -33.32
C GLY B 129 -24.21 12.79 -32.29
N PRO B 130 -24.97 11.70 -32.11
CA PRO B 130 -24.72 10.65 -31.12
C PRO B 130 -23.35 9.97 -31.30
N ALA B 131 -22.70 9.65 -30.19
CA ALA B 131 -21.39 9.02 -30.19
C ALA B 131 -21.32 7.66 -30.87
N GLU B 132 -22.40 6.88 -30.76
CA GLU B 132 -22.50 5.55 -31.35
C GLU B 132 -22.38 5.50 -32.88
N VAL B 133 -22.60 6.63 -33.54
CA VAL B 133 -22.51 6.66 -35.00
C VAL B 133 -21.50 7.67 -35.57
N MET B 134 -20.49 8.04 -34.79
CA MET B 134 -19.47 8.98 -35.26
C MET B 134 -18.93 8.46 -36.58
N PRO B 135 -18.96 9.29 -37.64
CA PRO B 135 -18.47 8.90 -38.97
C PRO B 135 -17.05 9.33 -39.30
N MET B 136 -16.46 10.17 -38.45
CA MET B 136 -15.10 10.65 -38.69
C MET B 136 -14.04 9.71 -38.15
N GLU B 137 -12.83 9.88 -38.67
CA GLU B 137 -11.69 9.06 -38.26
C GLU B 137 -11.24 9.63 -36.93
N ARG B 138 -10.64 8.78 -36.10
CA ARG B 138 -10.17 9.22 -34.80
C ARG B 138 -8.72 8.81 -34.56
N PRO B 139 -7.77 9.68 -34.95
CA PRO B 139 -6.33 9.45 -34.79
C PRO B 139 -5.93 9.33 -33.32
N SER B 140 -4.88 8.55 -33.06
CA SER B 140 -4.38 8.35 -31.70
C SER B 140 -3.02 9.03 -31.61
N PHE B 141 -2.85 9.86 -30.57
CA PHE B 141 -1.62 10.58 -30.35
C PHE B 141 -0.97 10.14 -29.05
N LYS B 142 0.35 10.20 -28.99
CA LYS B 142 1.07 9.77 -27.80
C LYS B 142 2.26 10.66 -27.47
N VAL B 143 2.89 10.35 -26.35
CA VAL B 143 4.08 11.06 -25.88
C VAL B 143 5.09 9.99 -25.45
N ASP B 144 6.34 10.20 -25.83
CA ASP B 144 7.43 9.27 -25.50
C ASP B 144 8.71 10.09 -25.27
N PRO B 145 9.86 9.45 -25.03
CA PRO B 145 11.08 10.23 -24.85
C PRO B 145 11.41 11.18 -26.01
N SER B 146 10.96 10.84 -27.22
CA SER B 146 11.22 11.68 -28.39
C SER B 146 10.43 12.99 -28.36
N CYS B 147 9.32 13.00 -27.61
CA CYS B 147 8.48 14.17 -27.48
C CYS B 147 7.66 13.93 -26.23
N PRO B 148 8.21 14.33 -25.07
CA PRO B 148 7.62 14.08 -23.75
C PRO B 148 6.39 14.89 -23.41
N GLY B 149 5.85 14.61 -22.23
CA GLY B 149 4.65 15.29 -21.75
C GLY B 149 4.59 15.02 -20.28
N SER B 150 5.50 15.65 -19.55
CA SER B 150 5.62 15.49 -18.10
C SER B 150 4.35 15.79 -17.33
N ASP B 151 3.58 16.76 -17.80
CA ASP B 151 2.33 17.13 -17.14
C ASP B 151 1.32 15.99 -17.14
N VAL B 152 0.91 15.58 -18.33
CA VAL B 152 -0.05 14.51 -18.50
C VAL B 152 0.50 13.17 -17.97
N ALA B 153 1.80 12.94 -18.09
CA ALA B 153 2.39 11.69 -17.61
C ALA B 153 2.30 11.63 -16.08
N ALA B 154 2.75 12.70 -15.43
CA ALA B 154 2.73 12.79 -13.97
C ALA B 154 1.31 12.75 -13.41
N GLU B 155 0.37 13.33 -14.15
CA GLU B 155 -1.03 13.37 -13.74
C GLU B 155 -1.60 11.96 -13.79
N THR B 156 -1.37 11.26 -14.90
CA THR B 156 -1.85 9.89 -15.04
C THR B 156 -1.21 9.02 -13.94
N ALA B 157 0.02 9.35 -13.56
CA ALA B 157 0.70 8.59 -12.50
C ALA B 157 -0.07 8.81 -11.19
N ALA B 158 -0.38 10.08 -10.92
CA ALA B 158 -1.10 10.46 -9.71
C ALA B 158 -2.48 9.81 -9.66
N ALA B 159 -3.13 9.71 -10.82
CA ALA B 159 -4.45 9.11 -10.92
C ALA B 159 -4.42 7.64 -10.55
N MET B 160 -3.50 6.89 -11.16
CA MET B 160 -3.34 5.46 -10.90
C MET B 160 -2.91 5.23 -9.43
N ALA B 161 -2.08 6.14 -8.92
CA ALA B 161 -1.63 6.07 -7.54
C ALA B 161 -2.82 6.25 -6.60
N ALA B 162 -3.46 7.42 -6.67
CA ALA B 162 -4.59 7.76 -5.82
C ALA B 162 -5.65 6.67 -5.78
N SER B 163 -5.92 6.07 -6.94
CA SER B 163 -6.91 5.02 -7.07
C SER B 163 -6.48 3.71 -6.43
N SER B 164 -5.19 3.41 -6.49
CA SER B 164 -4.71 2.16 -5.91
C SER B 164 -5.10 2.11 -4.44
N ILE B 165 -5.06 3.26 -3.77
CA ILE B 165 -5.43 3.36 -2.36
C ILE B 165 -6.89 2.98 -2.18
N VAL B 166 -7.74 3.39 -3.11
CA VAL B 166 -9.17 3.10 -3.04
C VAL B 166 -9.44 1.61 -3.18
N PHE B 167 -8.75 0.97 -4.11
CA PHE B 167 -8.93 -0.45 -4.33
C PHE B 167 -8.12 -1.35 -3.40
N ALA B 168 -7.07 -0.78 -2.79
CA ALA B 168 -6.17 -1.51 -1.88
C ALA B 168 -6.77 -2.66 -1.08
N ASP B 169 -7.87 -2.40 -0.38
CA ASP B 169 -8.51 -3.43 0.43
C ASP B 169 -9.34 -4.38 -0.41
N ASP B 170 -10.03 -3.86 -1.42
CA ASP B 170 -10.88 -4.66 -2.29
C ASP B 170 -10.12 -5.55 -3.27
N ASP B 171 -9.21 -4.94 -4.01
CA ASP B 171 -8.44 -5.67 -5.00
C ASP B 171 -6.95 -5.34 -4.87
N PRO B 172 -6.26 -5.97 -3.88
CA PRO B 172 -4.83 -5.71 -3.68
C PRO B 172 -4.02 -5.95 -4.95
N ALA B 173 -4.45 -6.90 -5.76
CA ALA B 173 -3.76 -7.20 -7.01
C ALA B 173 -3.81 -5.98 -7.94
N TYR B 174 -5.03 -5.53 -8.21
CA TYR B 174 -5.26 -4.39 -9.09
C TYR B 174 -4.48 -3.18 -8.58
N ALA B 175 -4.63 -2.91 -7.29
CA ALA B 175 -3.96 -1.78 -6.64
C ALA B 175 -2.48 -1.78 -6.96
N ALA B 176 -1.83 -2.91 -6.70
CA ALA B 176 -0.40 -3.04 -6.95
C ALA B 176 -0.06 -2.74 -8.41
N THR B 177 -0.89 -3.20 -9.33
CA THR B 177 -0.67 -2.97 -10.76
C THR B 177 -0.77 -1.49 -11.12
N LEU B 178 -1.70 -0.79 -10.49
CA LEU B 178 -1.87 0.64 -10.74
C LEU B 178 -0.63 1.38 -10.20
N VAL B 179 -0.12 0.93 -9.06
CA VAL B 179 1.07 1.52 -8.46
C VAL B 179 2.27 1.33 -9.38
N GLN B 180 2.40 0.12 -9.91
CA GLN B 180 3.49 -0.23 -10.81
C GLN B 180 3.49 0.67 -12.03
N HIS B 181 2.31 0.94 -12.58
CA HIS B 181 2.20 1.80 -13.74
C HIS B 181 2.55 3.23 -13.37
N ALA B 182 1.99 3.69 -12.26
CA ALA B 182 2.20 5.04 -11.75
C ALA B 182 3.68 5.33 -11.49
N LYS B 183 4.43 4.32 -11.11
CA LYS B 183 5.85 4.50 -10.84
C LYS B 183 6.63 4.68 -12.14
N GLN B 184 6.26 3.91 -13.16
CA GLN B 184 6.93 4.00 -14.46
C GLN B 184 6.61 5.36 -15.09
N LEU B 185 5.35 5.77 -14.99
CA LEU B 185 4.91 7.03 -15.57
C LEU B 185 5.54 8.24 -14.87
N TYR B 186 5.62 8.20 -13.54
CA TYR B 186 6.23 9.32 -12.83
C TYR B 186 7.69 9.45 -13.23
N THR B 187 8.37 8.32 -13.32
CA THR B 187 9.77 8.30 -13.72
C THR B 187 9.89 8.92 -15.10
N PHE B 188 9.08 8.42 -16.03
CA PHE B 188 9.07 8.91 -17.41
C PHE B 188 8.90 10.41 -17.46
N ALA B 189 7.97 10.93 -16.65
CA ALA B 189 7.68 12.36 -16.63
C ALA B 189 8.82 13.18 -16.00
N ASP B 190 9.44 12.62 -14.97
CA ASP B 190 10.53 13.29 -14.28
C ASP B 190 11.83 13.23 -15.09
N THR B 191 12.10 12.11 -15.75
CA THR B 191 13.32 11.98 -16.54
C THR B 191 13.31 12.82 -17.81
N TYR B 192 12.23 12.72 -18.59
CA TYR B 192 12.09 13.46 -19.84
C TYR B 192 11.10 14.60 -19.63
N ARG B 193 11.63 15.78 -19.34
CA ARG B 193 10.82 16.97 -19.08
C ARG B 193 10.22 17.56 -20.35
N GLY B 194 8.98 18.05 -20.24
CA GLY B 194 8.33 18.65 -21.39
C GLY B 194 6.84 18.83 -21.24
N VAL B 195 6.31 19.82 -21.97
CA VAL B 195 4.90 20.13 -21.99
C VAL B 195 4.26 19.27 -23.09
N TYR B 196 3.22 18.52 -22.72
CA TYR B 196 2.56 17.63 -23.68
C TYR B 196 1.89 18.33 -24.84
N SER B 197 1.39 19.54 -24.61
CA SER B 197 0.71 20.27 -25.68
C SER B 197 1.62 20.74 -26.81
N ASP B 198 2.92 20.47 -26.69
CA ASP B 198 3.89 20.82 -27.72
C ASP B 198 4.03 19.63 -28.66
N CYS B 199 3.59 18.47 -28.20
CA CYS B 199 3.69 17.23 -28.98
C CYS B 199 2.36 16.70 -29.53
N VAL B 200 1.26 17.01 -28.84
CA VAL B 200 -0.05 16.56 -29.29
C VAL B 200 -0.95 17.77 -29.56
N PRO B 201 -1.82 17.70 -30.59
CA PRO B 201 -2.67 18.83 -30.98
C PRO B 201 -3.83 19.07 -30.03
N ALA B 202 -3.52 19.32 -28.76
CA ALA B 202 -4.53 19.60 -27.75
C ALA B 202 -4.47 21.06 -27.34
N GLY B 203 -3.51 21.78 -27.91
CA GLY B 203 -3.29 23.18 -27.58
C GLY B 203 -4.49 24.10 -27.49
N ALA B 204 -5.44 23.92 -28.42
CA ALA B 204 -6.64 24.75 -28.46
C ALA B 204 -7.77 24.32 -27.52
N PHE B 205 -7.59 23.21 -26.82
CA PHE B 205 -8.63 22.71 -25.93
C PHE B 205 -8.16 22.57 -24.50
N TYR B 206 -7.05 21.88 -24.29
CA TYR B 206 -6.51 21.67 -22.94
C TYR B 206 -5.01 21.93 -22.95
N ASN B 207 -4.62 23.16 -23.26
CA ASN B 207 -3.21 23.52 -23.31
C ASN B 207 -2.60 23.53 -21.91
N SER B 208 -1.32 23.20 -21.81
CA SER B 208 -0.63 23.18 -20.53
C SER B 208 -0.23 24.60 -20.14
N TRP B 209 -1.23 25.37 -19.74
CA TRP B 209 -1.03 26.77 -19.36
C TRP B 209 -0.05 27.04 -18.23
N SER B 210 0.04 26.13 -17.26
CA SER B 210 0.93 26.30 -16.13
C SER B 210 2.26 25.56 -16.24
N GLY B 211 2.36 24.65 -17.20
CA GLY B 211 3.59 23.90 -17.33
C GLY B 211 3.51 22.68 -16.45
N TYR B 212 4.60 21.90 -16.35
CA TYR B 212 4.61 20.67 -15.57
C TYR B 212 5.03 20.65 -14.09
N GLN B 213 5.62 21.73 -13.58
CA GLN B 213 6.08 21.75 -12.18
C GLN B 213 5.05 21.27 -11.13
N ASP B 214 3.87 21.89 -11.15
CA ASP B 214 2.83 21.50 -10.20
C ASP B 214 2.58 20.00 -10.23
N GLU B 215 2.54 19.44 -11.44
CA GLU B 215 2.32 18.01 -11.64
C GLU B 215 3.40 17.17 -10.99
N LEU B 216 4.63 17.66 -11.01
CA LEU B 216 5.74 16.91 -10.40
C LEU B 216 5.58 16.81 -8.87
N VAL B 217 5.02 17.85 -8.26
CA VAL B 217 4.81 17.86 -6.81
C VAL B 217 3.62 16.97 -6.46
N TRP B 218 2.51 17.24 -7.15
CA TRP B 218 1.24 16.55 -7.01
C TRP B 218 1.44 15.03 -7.20
N GLY B 219 1.98 14.63 -8.34
CA GLY B 219 2.21 13.22 -8.60
C GLY B 219 3.08 12.60 -7.50
N ALA B 220 4.19 13.25 -7.18
CA ALA B 220 5.12 12.76 -6.15
C ALA B 220 4.36 12.47 -4.87
N TYR B 221 3.70 13.49 -4.33
CA TYR B 221 2.94 13.30 -3.09
C TYR B 221 2.03 12.07 -3.16
N TRP B 222 1.25 11.97 -4.23
CA TRP B 222 0.35 10.86 -4.38
C TRP B 222 1.02 9.49 -4.41
N LEU B 223 2.16 9.37 -5.08
CA LEU B 223 2.87 8.10 -5.13
C LEU B 223 3.34 7.75 -3.73
N TYR B 224 3.69 8.78 -2.97
CA TYR B 224 4.13 8.61 -1.59
C TYR B 224 2.97 7.98 -0.80
N LYS B 225 1.76 8.47 -1.05
CA LYS B 225 0.58 7.97 -0.35
C LYS B 225 0.25 6.52 -0.73
N ALA B 226 0.45 6.17 -2.00
CA ALA B 226 0.15 4.82 -2.45
C ALA B 226 1.25 3.82 -2.10
N THR B 227 2.49 4.29 -2.02
CA THR B 227 3.61 3.40 -1.72
C THR B 227 4.01 3.43 -0.26
N GLY B 228 4.27 4.63 0.23
CA GLY B 228 4.73 4.81 1.60
C GLY B 228 6.23 5.04 1.53
N ASP B 229 6.72 5.19 0.31
CA ASP B 229 8.14 5.40 0.04
C ASP B 229 8.48 6.83 0.42
N ASP B 230 9.24 6.98 1.50
CA ASP B 230 9.62 8.30 1.99
C ASP B 230 10.31 9.19 0.97
N SER B 231 11.07 8.60 0.05
CA SER B 231 11.79 9.38 -0.96
C SER B 231 10.84 10.21 -1.83
N TYR B 232 9.63 9.71 -2.03
CA TYR B 232 8.64 10.43 -2.84
C TYR B 232 8.21 11.71 -2.15
N LEU B 233 7.99 11.66 -0.85
CA LEU B 233 7.59 12.86 -0.11
C LEU B 233 8.77 13.80 -0.21
N ALA B 234 9.97 13.24 -0.14
CA ALA B 234 11.17 14.04 -0.25
C ALA B 234 11.20 14.72 -1.62
N LYS B 235 10.79 13.99 -2.65
CA LYS B 235 10.74 14.51 -4.03
C LYS B 235 9.77 15.69 -4.09
N ALA B 236 8.56 15.47 -3.59
CA ALA B 236 7.50 16.48 -3.58
C ALA B 236 7.92 17.77 -2.88
N GLU B 237 8.41 17.65 -1.64
CA GLU B 237 8.85 18.80 -0.88
C GLU B 237 9.97 19.58 -1.55
N TYR B 238 10.91 18.88 -2.16
CA TYR B 238 12.00 19.53 -2.86
C TYR B 238 11.45 20.36 -4.01
N GLU B 239 10.65 19.71 -4.86
CA GLU B 239 10.07 20.38 -6.02
C GLU B 239 9.14 21.53 -5.67
N TYR B 240 8.53 21.49 -4.49
CA TYR B 240 7.61 22.52 -4.04
C TYR B 240 8.17 23.92 -4.20
N ASP B 241 9.44 24.09 -3.87
CA ASP B 241 10.11 25.38 -3.96
C ASP B 241 10.20 25.93 -5.38
N PHE B 242 9.86 25.12 -6.37
CA PHE B 242 9.92 25.59 -7.76
C PHE B 242 8.55 25.91 -8.33
N LEU B 243 7.55 26.06 -7.47
CA LEU B 243 6.22 26.40 -7.91
C LEU B 243 6.17 27.86 -8.33
N SER B 244 5.23 28.20 -9.21
CA SER B 244 5.10 29.56 -9.69
C SER B 244 4.64 30.53 -8.61
N THR B 245 5.29 31.70 -8.61
CA THR B 245 4.97 32.77 -7.67
C THR B 245 3.96 33.68 -8.37
N GLU B 246 3.58 34.77 -7.71
CA GLU B 246 2.61 35.67 -8.34
C GLU B 246 3.13 37.07 -8.67
N GLN B 247 2.92 37.44 -9.94
CA GLN B 247 3.30 38.73 -10.50
C GLN B 247 4.70 39.30 -10.21
N GLN B 248 4.90 39.84 -9.02
CA GLN B 248 6.19 40.44 -8.67
C GLN B 248 6.73 39.97 -7.32
N THR B 249 5.85 39.48 -6.46
CA THR B 249 6.25 39.03 -5.14
C THR B 249 6.83 37.62 -5.15
N ASP B 250 7.36 37.19 -4.01
CA ASP B 250 7.92 35.86 -3.88
C ASP B 250 6.85 34.90 -3.35
N LEU B 251 5.62 35.40 -3.29
CA LEU B 251 4.49 34.60 -2.81
C LEU B 251 4.04 33.69 -3.93
N ARG B 252 3.82 32.41 -3.60
CA ARG B 252 3.38 31.46 -4.61
C ARG B 252 1.97 31.80 -5.03
N SER B 253 1.65 31.51 -6.28
CA SER B 253 0.34 31.81 -6.85
C SER B 253 -0.79 31.56 -5.85
N TYR B 254 -1.73 32.50 -5.77
CA TYR B 254 -2.86 32.36 -4.85
C TYR B 254 -4.16 32.95 -5.41
N ARG B 255 -4.12 33.49 -6.63
CA ARG B 255 -5.32 34.11 -7.22
C ARG B 255 -6.18 33.27 -8.18
N TRP B 256 -5.87 31.98 -8.31
CA TRP B 256 -6.67 31.10 -9.16
C TRP B 256 -7.10 29.95 -8.25
N THR B 257 -7.16 28.73 -8.79
CA THR B 257 -7.55 27.57 -8.00
C THR B 257 -7.16 26.28 -8.70
N ILE B 258 -7.31 25.16 -8.00
CA ILE B 258 -6.96 23.86 -8.57
C ILE B 258 -7.97 23.42 -9.62
N ALA B 259 -7.46 22.99 -10.75
CA ALA B 259 -8.27 22.51 -11.87
C ALA B 259 -7.35 21.60 -12.68
N TRP B 260 -7.87 21.01 -13.76
CA TRP B 260 -7.10 20.10 -14.60
C TRP B 260 -5.69 20.52 -15.02
N ASP B 261 -5.39 21.82 -14.98
CA ASP B 261 -4.08 22.32 -15.39
C ASP B 261 -3.11 22.66 -14.26
N ASP B 262 -3.62 23.28 -13.20
CA ASP B 262 -2.77 23.70 -12.10
C ASP B 262 -3.10 22.99 -10.77
N LYS B 263 -2.17 22.16 -10.32
CA LYS B 263 -2.37 21.44 -9.06
C LYS B 263 -1.64 22.06 -7.87
N SER B 264 -1.02 23.22 -8.10
CA SER B 264 -0.28 23.93 -7.05
C SER B 264 -1.09 24.06 -5.77
N TYR B 265 -2.32 24.54 -5.92
CA TYR B 265 -3.22 24.77 -4.82
C TYR B 265 -3.53 23.51 -4.01
N GLY B 266 -3.67 22.38 -4.69
CA GLY B 266 -3.95 21.13 -4.00
C GLY B 266 -2.78 20.76 -3.12
N THR B 267 -1.57 20.88 -3.67
CA THR B 267 -0.37 20.53 -2.92
C THR B 267 -0.18 21.38 -1.65
N TYR B 268 -0.58 22.65 -1.69
CA TYR B 268 -0.44 23.53 -0.52
C TYR B 268 -1.13 22.84 0.66
N VAL B 269 -2.39 22.45 0.44
CA VAL B 269 -3.21 21.80 1.46
C VAL B 269 -2.72 20.39 1.78
N LEU B 270 -2.44 19.61 0.74
CA LEU B 270 -1.97 18.24 0.93
C LEU B 270 -0.71 18.14 1.78
N LEU B 271 0.29 18.97 1.48
CA LEU B 271 1.53 18.95 2.24
C LEU B 271 1.36 19.53 3.65
N ALA B 272 0.47 20.52 3.79
CA ALA B 272 0.19 21.10 5.09
C ALA B 272 -0.44 20.01 5.94
N LYS B 273 -1.31 19.24 5.33
CA LYS B 273 -2.01 18.15 5.99
C LYS B 273 -1.02 17.05 6.40
N GLU B 274 -0.11 16.74 5.50
CA GLU B 274 0.88 15.69 5.74
C GLU B 274 1.96 16.06 6.77
N THR B 275 2.71 17.12 6.47
CA THR B 275 3.80 17.56 7.32
C THR B 275 3.43 18.45 8.50
N GLY B 276 2.58 19.44 8.25
CA GLY B 276 2.17 20.36 9.29
C GLY B 276 3.11 21.55 9.34
N LYS B 277 3.94 21.70 8.30
CA LYS B 277 4.89 22.80 8.24
C LYS B 277 4.21 24.13 7.96
N GLN B 278 4.68 25.16 8.66
CA GLN B 278 4.16 26.52 8.53
C GLN B 278 4.19 26.97 7.09
N LYS B 279 5.30 26.64 6.43
CA LYS B 279 5.53 26.98 5.03
C LYS B 279 4.33 26.67 4.14
N TYR B 280 3.75 25.48 4.32
CA TYR B 280 2.62 25.06 3.52
C TYR B 280 1.34 25.77 3.99
N ILE B 281 1.18 25.84 5.30
CA ILE B 281 0.02 26.48 5.93
C ILE B 281 -0.17 27.93 5.47
N ASP B 282 0.93 28.66 5.32
CA ASP B 282 0.85 30.04 4.87
C ASP B 282 0.27 30.09 3.46
N ASP B 283 0.87 29.33 2.55
CA ASP B 283 0.41 29.30 1.17
C ASP B 283 -1.08 28.97 1.08
N ALA B 284 -1.47 27.89 1.75
CA ALA B 284 -2.86 27.44 1.77
C ALA B 284 -3.77 28.51 2.33
N ASN B 285 -3.28 29.20 3.36
CA ASN B 285 -4.04 30.26 4.01
C ASN B 285 -4.29 31.43 3.07
N ARG B 286 -3.22 31.90 2.43
CA ARG B 286 -3.28 33.03 1.51
C ARG B 286 -4.23 32.73 0.36
N TRP B 287 -4.17 31.51 -0.18
CA TRP B 287 -5.03 31.11 -1.28
C TRP B 287 -6.50 31.13 -0.87
N LEU B 288 -6.84 30.36 0.16
CA LEU B 288 -8.21 30.29 0.64
C LEU B 288 -8.75 31.62 1.17
N ASP B 289 -7.86 32.50 1.62
CA ASP B 289 -8.28 33.81 2.12
C ASP B 289 -8.71 34.67 0.93
N TYR B 290 -7.95 34.64 -0.14
CA TYR B 290 -8.26 35.41 -1.34
C TYR B 290 -9.66 35.02 -1.88
N TRP B 291 -10.07 33.79 -1.60
CA TRP B 291 -11.37 33.29 -2.03
C TRP B 291 -12.48 33.63 -1.05
N THR B 292 -12.13 34.12 0.13
CA THR B 292 -13.12 34.47 1.13
C THR B 292 -13.08 35.95 1.55
N VAL B 293 -12.11 36.31 2.38
CA VAL B 293 -11.99 37.68 2.87
C VAL B 293 -11.06 38.55 2.04
N GLY B 294 -10.28 37.94 1.18
CA GLY B 294 -9.36 38.68 0.36
C GLY B 294 -8.03 38.87 1.06
N VAL B 295 -7.00 39.21 0.30
CA VAL B 295 -5.67 39.44 0.84
C VAL B 295 -5.11 40.69 0.19
N ASN B 296 -4.64 41.61 1.04
CA ASN B 296 -4.07 42.87 0.57
C ASN B 296 -5.11 43.68 -0.19
N GLY B 297 -6.38 43.50 0.16
CA GLY B 297 -7.46 44.22 -0.48
C GLY B 297 -8.04 43.53 -1.70
N GLN B 298 -7.33 42.54 -2.24
CA GLN B 298 -7.80 41.82 -3.42
C GLN B 298 -8.64 40.63 -2.99
N ARG B 299 -9.65 40.30 -3.80
CA ARG B 299 -10.55 39.20 -3.50
C ARG B 299 -11.18 38.69 -4.79
N VAL B 300 -11.44 37.39 -4.85
CA VAL B 300 -12.05 36.77 -6.02
C VAL B 300 -13.45 37.40 -6.25
N PRO B 301 -13.78 37.72 -7.52
CA PRO B 301 -15.08 38.35 -7.78
C PRO B 301 -16.25 37.57 -7.21
N TYR B 302 -17.17 38.28 -6.58
CA TYR B 302 -18.37 37.68 -6.01
C TYR B 302 -19.58 38.39 -6.59
N SER B 303 -20.70 37.67 -6.67
CA SER B 303 -21.93 38.23 -7.20
C SER B 303 -22.86 38.55 -6.03
N PRO B 304 -23.93 39.32 -6.27
CA PRO B 304 -24.87 39.66 -5.20
C PRO B 304 -25.39 38.43 -4.45
N GLY B 305 -25.58 37.33 -5.19
CA GLY B 305 -26.10 36.11 -4.60
C GLY B 305 -25.10 35.34 -3.76
N GLY B 306 -23.84 35.76 -3.79
CA GLY B 306 -22.82 35.07 -3.00
C GLY B 306 -22.07 33.99 -3.76
N MET B 307 -21.93 34.16 -5.07
CA MET B 307 -21.23 33.17 -5.86
C MET B 307 -19.79 33.62 -6.13
N ALA B 308 -18.85 32.71 -5.93
CA ALA B 308 -17.45 33.02 -6.15
C ALA B 308 -17.22 32.72 -7.63
N VAL B 309 -17.06 33.78 -8.43
CA VAL B 309 -16.86 33.63 -9.87
C VAL B 309 -15.41 33.91 -10.28
N LEU B 310 -14.72 32.89 -10.79
CA LEU B 310 -13.33 33.03 -11.19
C LEU B 310 -13.13 33.35 -12.66
N ASP B 311 -13.89 32.69 -13.52
CA ASP B 311 -13.78 32.90 -14.95
C ASP B 311 -15.10 32.53 -15.62
N THR B 312 -15.31 33.02 -16.83
CA THR B 312 -16.56 32.77 -17.56
C THR B 312 -16.82 31.31 -17.97
N TRP B 313 -15.76 30.56 -18.22
CA TRP B 313 -15.86 29.17 -18.64
C TRP B 313 -15.87 28.22 -17.44
N GLY B 314 -16.97 27.50 -17.24
CA GLY B 314 -17.08 26.54 -16.15
C GLY B 314 -16.92 27.15 -14.77
N ALA B 315 -17.54 28.31 -14.56
CA ALA B 315 -17.46 29.01 -13.28
C ALA B 315 -17.77 28.14 -12.06
N LEU B 316 -18.89 27.42 -12.10
CA LEU B 316 -19.28 26.57 -10.99
C LEU B 316 -18.25 25.49 -10.67
N ARG B 317 -17.55 25.01 -11.70
CA ARG B 317 -16.51 24.00 -11.52
C ARG B 317 -15.39 24.56 -10.63
N TYR B 318 -14.92 25.77 -10.95
CA TYR B 318 -13.86 26.40 -10.16
C TYR B 318 -14.30 26.55 -8.70
N ALA B 319 -15.46 27.17 -8.50
CA ALA B 319 -16.00 27.36 -7.16
C ALA B 319 -16.18 26.03 -6.40
N ALA B 320 -16.57 24.98 -7.13
CA ALA B 320 -16.78 23.66 -6.55
C ALA B 320 -15.46 23.02 -6.17
N ASN B 321 -14.45 23.20 -7.01
CA ASN B 321 -13.12 22.66 -6.77
C ASN B 321 -12.60 23.28 -5.48
N THR B 322 -12.75 24.60 -5.38
CA THR B 322 -12.30 25.35 -4.21
C THR B 322 -13.08 24.92 -2.97
N ALA B 323 -14.37 24.68 -3.15
CA ALA B 323 -15.24 24.26 -2.06
C ALA B 323 -14.75 22.95 -1.46
N PHE B 324 -14.41 22.00 -2.32
CA PHE B 324 -13.92 20.71 -1.85
C PHE B 324 -12.64 20.86 -1.03
N VAL B 325 -11.58 21.36 -1.65
CA VAL B 325 -10.30 21.54 -0.96
C VAL B 325 -10.50 22.30 0.34
N ALA B 326 -11.37 23.30 0.32
CA ALA B 326 -11.66 24.11 1.51
C ALA B 326 -12.10 23.21 2.67
N LEU B 327 -13.03 22.30 2.39
CA LEU B 327 -13.53 21.38 3.40
C LEU B 327 -12.43 20.47 3.94
N VAL B 328 -11.51 20.07 3.06
CA VAL B 328 -10.39 19.23 3.47
C VAL B 328 -9.51 20.01 4.45
N TYR B 329 -9.12 21.22 4.06
CA TYR B 329 -8.29 22.08 4.88
C TYR B 329 -8.97 22.45 6.19
N ALA B 330 -10.29 22.62 6.15
CA ALA B 330 -11.05 22.98 7.34
C ALA B 330 -10.89 21.98 8.48
N LYS B 331 -10.57 20.73 8.15
CA LYS B 331 -10.39 19.72 9.18
C LYS B 331 -9.00 19.69 9.78
N VAL B 332 -7.99 20.17 9.05
CA VAL B 332 -6.63 20.15 9.55
C VAL B 332 -6.19 21.40 10.32
N ILE B 333 -6.64 22.57 9.89
CA ILE B 333 -6.26 23.79 10.56
C ILE B 333 -6.95 23.89 11.92
N ASP B 334 -6.21 24.35 12.93
CA ASP B 334 -6.73 24.50 14.28
C ASP B 334 -7.46 25.81 14.52
N ASP B 335 -7.10 26.83 13.75
CA ASP B 335 -7.70 28.16 13.87
C ASP B 335 -9.23 28.12 13.74
N PRO B 336 -9.95 28.35 14.84
CA PRO B 336 -11.42 28.32 14.88
C PRO B 336 -12.06 29.26 13.85
N VAL B 337 -11.48 30.45 13.72
CA VAL B 337 -11.98 31.44 12.78
C VAL B 337 -11.83 30.95 11.34
N ARG B 338 -10.60 30.59 10.95
CA ARG B 338 -10.32 30.12 9.60
C ARG B 338 -11.11 28.85 9.27
N LYS B 339 -11.19 27.94 10.22
CA LYS B 339 -11.93 26.69 10.06
C LYS B 339 -13.38 26.96 9.68
N GLN B 340 -14.00 27.91 10.38
CA GLN B 340 -15.38 28.28 10.12
C GLN B 340 -15.50 28.94 8.75
N ARG B 341 -14.63 29.92 8.49
CA ARG B 341 -14.61 30.66 7.24
C ARG B 341 -14.59 29.75 6.01
N TYR B 342 -13.61 28.85 5.97
CA TYR B 342 -13.44 27.93 4.85
C TYR B 342 -14.61 26.96 4.72
N HIS B 343 -15.00 26.36 5.84
CA HIS B 343 -16.09 25.43 5.85
C HIS B 343 -17.41 26.04 5.38
N ASP B 344 -17.74 27.22 5.90
CA ASP B 344 -18.98 27.91 5.53
C ASP B 344 -18.94 28.36 4.08
N PHE B 345 -17.77 28.79 3.62
CA PHE B 345 -17.60 29.22 2.23
C PHE B 345 -17.92 28.05 1.29
N ALA B 346 -17.46 26.86 1.68
CA ALA B 346 -17.68 25.65 0.91
C ALA B 346 -19.14 25.29 0.77
N VAL B 347 -19.82 25.12 1.91
CA VAL B 347 -21.24 24.78 1.90
C VAL B 347 -22.03 25.78 1.08
N ARG B 348 -21.68 27.06 1.21
CA ARG B 348 -22.38 28.10 0.46
C ARG B 348 -22.26 27.84 -1.04
N GLN B 349 -21.03 27.69 -1.53
CA GLN B 349 -20.80 27.44 -2.95
C GLN B 349 -21.51 26.22 -3.51
N ILE B 350 -21.51 25.12 -2.76
CA ILE B 350 -22.18 23.92 -3.22
C ILE B 350 -23.69 24.16 -3.22
N ASN B 351 -24.18 24.77 -2.14
CA ASN B 351 -25.60 25.07 -2.01
C ASN B 351 -26.08 25.94 -3.15
N TYR B 352 -25.25 26.90 -3.54
CA TYR B 352 -25.58 27.81 -4.64
C TYR B 352 -25.80 26.97 -5.89
N ALA B 353 -24.86 26.07 -6.16
CA ALA B 353 -24.92 25.19 -7.32
C ALA B 353 -26.14 24.27 -7.28
N LEU B 354 -26.56 23.88 -6.07
CA LEU B 354 -27.71 23.00 -5.93
C LEU B 354 -29.06 23.70 -5.94
N GLY B 355 -29.06 25.04 -5.97
CA GLY B 355 -30.33 25.75 -6.03
C GLY B 355 -30.50 27.00 -5.17
N ASP B 356 -29.65 27.17 -4.17
CA ASP B 356 -29.74 28.32 -3.27
C ASP B 356 -29.12 29.56 -3.91
N ASN B 357 -29.85 30.16 -4.85
CA ASN B 357 -29.37 31.35 -5.56
C ASN B 357 -30.53 32.27 -5.91
N PRO B 358 -30.25 33.46 -6.49
CA PRO B 358 -31.32 34.37 -6.90
C PRO B 358 -32.35 33.74 -7.83
N ARG B 359 -31.92 32.81 -8.68
CA ARG B 359 -32.84 32.16 -9.61
C ARG B 359 -33.58 31.03 -8.95
N ASN B 360 -33.13 30.63 -7.76
CA ASN B 360 -33.76 29.55 -7.01
C ASN B 360 -33.82 28.30 -7.90
N SER B 361 -32.81 28.15 -8.76
CA SER B 361 -32.76 27.02 -9.67
C SER B 361 -31.47 26.20 -9.54
N SER B 362 -31.58 24.91 -9.78
CA SER B 362 -30.44 24.02 -9.70
C SER B 362 -29.59 24.21 -10.94
N TYR B 363 -28.31 23.87 -10.84
CA TYR B 363 -27.39 23.97 -11.98
C TYR B 363 -26.88 22.57 -12.28
N VAL B 364 -27.46 21.59 -11.60
CA VAL B 364 -27.12 20.18 -11.76
C VAL B 364 -28.30 19.57 -12.53
N VAL B 365 -28.05 19.14 -13.76
CA VAL B 365 -29.08 18.58 -14.62
C VAL B 365 -29.82 17.43 -13.93
N GLY B 366 -31.13 17.38 -14.15
CA GLY B 366 -31.95 16.34 -13.57
C GLY B 366 -32.08 16.37 -12.06
N PHE B 367 -31.62 17.44 -11.42
CA PHE B 367 -31.71 17.53 -9.96
C PHE B 367 -32.26 18.89 -9.50
N GLY B 368 -33.03 18.86 -8.42
CA GLY B 368 -33.59 20.08 -7.84
C GLY B 368 -34.70 20.80 -8.58
N ASN B 369 -34.88 22.08 -8.23
CA ASN B 369 -35.91 22.92 -8.82
C ASN B 369 -35.42 23.66 -10.04
N ASN B 370 -36.18 23.56 -11.12
CA ASN B 370 -35.89 24.23 -12.37
C ASN B 370 -34.46 23.99 -12.87
N PRO B 371 -34.06 22.72 -13.01
CA PRO B 371 -32.71 22.40 -13.49
C PRO B 371 -32.53 22.68 -14.98
N PRO B 372 -31.27 22.74 -15.44
CA PRO B 372 -31.02 22.94 -16.87
C PRO B 372 -31.60 21.74 -17.62
N ARG B 373 -32.12 21.98 -18.80
CA ARG B 373 -32.69 20.91 -19.61
C ARG B 373 -31.93 20.68 -20.91
N ASN B 374 -31.19 21.69 -21.38
CA ASN B 374 -30.46 21.56 -22.64
C ASN B 374 -28.97 21.88 -22.58
N PRO B 375 -28.18 21.10 -21.83
CA PRO B 375 -26.73 21.30 -21.81
C PRO B 375 -26.11 21.00 -23.17
N HIS B 376 -24.95 21.60 -23.42
CA HIS B 376 -24.23 21.42 -24.66
C HIS B 376 -23.60 20.03 -24.61
N HIS B 377 -24.35 19.02 -25.04
CA HIS B 377 -23.89 17.63 -25.02
C HIS B 377 -24.48 16.86 -26.22
N ARG B 378 -23.61 16.42 -27.12
CA ARG B 378 -24.05 15.71 -28.33
C ARG B 378 -25.00 14.52 -28.17
N THR B 379 -24.59 13.51 -27.41
CA THR B 379 -25.41 12.32 -27.23
C THR B 379 -26.69 12.55 -26.42
N ALA B 380 -26.65 13.51 -25.50
CA ALA B 380 -27.80 13.82 -24.67
C ALA B 380 -28.87 14.47 -25.53
N HIS B 381 -28.44 15.35 -26.42
CA HIS B 381 -29.33 16.04 -27.32
C HIS B 381 -30.04 15.03 -28.23
N GLY B 382 -29.25 14.24 -28.93
CA GLY B 382 -29.82 13.21 -29.80
C GLY B 382 -30.31 13.69 -31.15
N SER B 383 -29.60 14.64 -31.72
CA SER B 383 -29.91 15.21 -33.01
C SER B 383 -29.66 14.14 -34.06
N TRP B 384 -30.48 14.11 -35.10
CA TRP B 384 -30.32 13.12 -36.15
C TRP B 384 -30.05 13.78 -37.48
N THR B 385 -30.03 15.12 -37.49
CA THR B 385 -29.80 15.90 -38.69
C THR B 385 -28.53 16.76 -38.65
N ASP B 386 -27.57 16.39 -37.79
CA ASP B 386 -26.32 17.14 -37.67
C ASP B 386 -26.61 18.60 -37.40
N SER B 387 -27.52 18.84 -36.48
CA SER B 387 -27.91 20.20 -36.13
C SER B 387 -28.01 20.33 -34.64
N ILE B 388 -27.39 21.38 -34.10
CA ILE B 388 -27.43 21.65 -32.67
C ILE B 388 -28.77 22.27 -32.32
N ALA B 389 -29.47 22.79 -33.32
CA ALA B 389 -30.75 23.44 -33.12
C ALA B 389 -31.96 22.50 -33.14
N SER B 390 -31.84 21.39 -33.84
CA SER B 390 -32.94 20.44 -33.95
C SER B 390 -32.53 19.07 -33.39
N PRO B 391 -33.36 18.49 -32.51
CA PRO B 391 -34.63 19.04 -32.01
C PRO B 391 -34.40 20.16 -30.97
N ALA B 392 -35.48 20.86 -30.61
CA ALA B 392 -35.41 21.96 -29.65
C ALA B 392 -34.87 21.57 -28.28
N GLU B 393 -35.45 20.51 -27.69
CA GLU B 393 -35.03 20.05 -26.37
C GLU B 393 -34.17 18.79 -26.46
N ASN B 394 -33.22 18.65 -25.54
CA ASN B 394 -32.37 17.46 -25.50
C ASN B 394 -33.30 16.26 -25.31
N ARG B 395 -33.14 15.25 -26.15
CA ARG B 395 -33.97 14.05 -26.07
C ARG B 395 -33.68 13.16 -24.84
N HIS B 396 -32.62 13.48 -24.09
CA HIS B 396 -32.27 12.68 -22.91
C HIS B 396 -31.97 13.58 -21.70
N VAL B 397 -32.09 13.01 -20.50
CA VAL B 397 -31.84 13.77 -19.28
C VAL B 397 -30.48 13.34 -18.75
N LEU B 398 -29.48 14.18 -18.92
CA LEU B 398 -28.14 13.85 -18.45
C LEU B 398 -28.05 14.06 -16.94
N TYR B 399 -28.77 13.24 -16.19
CA TYR B 399 -28.79 13.30 -14.73
C TYR B 399 -27.42 13.48 -14.09
N GLY B 400 -27.33 14.38 -13.11
CA GLY B 400 -26.08 14.59 -12.39
C GLY B 400 -25.07 15.58 -12.94
N ALA B 401 -25.17 15.94 -14.20
CA ALA B 401 -24.22 16.88 -14.81
C ALA B 401 -24.33 18.32 -14.32
N LEU B 402 -23.21 18.87 -13.85
CA LEU B 402 -23.14 20.25 -13.36
C LEU B 402 -22.74 21.16 -14.52
N VAL B 403 -23.60 22.09 -14.89
CA VAL B 403 -23.30 23.01 -15.99
C VAL B 403 -22.29 24.07 -15.55
N GLY B 404 -21.78 24.84 -16.51
CA GLY B 404 -20.82 25.89 -16.22
C GLY B 404 -21.43 26.93 -15.30
N GLY B 405 -22.63 27.37 -15.64
CA GLY B 405 -23.32 28.37 -14.85
C GLY B 405 -22.93 29.77 -15.21
N PRO B 406 -23.32 30.76 -14.40
CA PRO B 406 -23.03 32.18 -14.63
C PRO B 406 -21.55 32.41 -14.78
N GLY B 407 -21.18 33.02 -15.90
CA GLY B 407 -19.79 33.29 -16.14
C GLY B 407 -19.41 34.66 -15.62
N SER B 408 -20.42 35.44 -15.25
CA SER B 408 -20.22 36.79 -14.73
C SER B 408 -20.85 36.94 -13.35
N PRO B 409 -20.32 37.85 -12.53
CA PRO B 409 -20.82 38.06 -11.17
C PRO B 409 -22.16 38.82 -11.11
N ASN B 410 -23.18 38.27 -11.75
CA ASN B 410 -24.51 38.91 -11.76
C ASN B 410 -25.62 37.87 -11.63
N ASP B 411 -25.24 36.64 -11.31
CA ASP B 411 -26.18 35.54 -11.14
C ASP B 411 -27.05 35.27 -12.39
N ALA B 412 -26.66 35.80 -13.55
CA ALA B 412 -27.44 35.59 -14.77
C ALA B 412 -27.08 34.29 -15.47
N TYR B 413 -28.06 33.66 -16.10
CA TYR B 413 -27.86 32.40 -16.79
C TYR B 413 -29.02 32.05 -17.70
N THR B 414 -28.71 31.40 -18.82
CA THR B 414 -29.73 30.99 -19.79
C THR B 414 -29.41 29.59 -20.28
N ASP B 415 -30.36 28.68 -20.07
CA ASP B 415 -30.23 27.28 -20.48
C ASP B 415 -30.23 27.19 -22.02
N ASP B 416 -29.14 27.66 -22.63
CA ASP B 416 -28.98 27.65 -24.08
C ASP B 416 -27.95 26.59 -24.46
N ARG B 417 -28.41 25.57 -25.16
CA ARG B 417 -27.56 24.47 -25.60
C ARG B 417 -26.39 24.93 -26.46
N GLN B 418 -26.59 26.02 -27.19
CA GLN B 418 -25.54 26.54 -28.05
C GLN B 418 -24.46 27.32 -27.32
N ASP B 419 -24.60 27.44 -26.00
CA ASP B 419 -23.63 28.17 -25.19
C ASP B 419 -22.70 27.20 -24.49
N TYR B 420 -21.62 26.81 -25.16
CA TYR B 420 -20.67 25.89 -24.54
C TYR B 420 -19.82 26.51 -23.43
N VAL B 421 -19.79 27.84 -23.37
CA VAL B 421 -18.98 28.53 -22.37
C VAL B 421 -19.65 28.49 -20.99
N ALA B 422 -20.97 28.49 -20.97
CA ALA B 422 -21.72 28.48 -19.72
C ALA B 422 -22.62 27.27 -19.55
N ASN B 423 -22.99 26.64 -20.67
CA ASN B 423 -23.87 25.48 -20.58
C ASN B 423 -23.29 24.15 -21.02
N GLU B 424 -21.97 24.01 -20.98
CA GLU B 424 -21.38 22.73 -21.33
C GLU B 424 -21.17 21.95 -20.04
N VAL B 425 -21.02 20.64 -20.18
CA VAL B 425 -20.80 19.73 -19.06
C VAL B 425 -19.47 19.03 -19.30
N ALA B 426 -18.90 18.40 -18.26
CA ALA B 426 -17.62 17.73 -18.41
C ALA B 426 -17.24 16.85 -17.23
N THR B 427 -16.40 15.85 -17.49
CA THR B 427 -15.95 14.93 -16.45
C THR B 427 -15.23 15.67 -15.34
N ASP B 428 -14.44 16.69 -15.68
CA ASP B 428 -13.73 17.46 -14.65
C ASP B 428 -14.61 18.45 -13.89
N TYR B 429 -15.74 18.83 -14.49
CA TYR B 429 -16.69 19.76 -13.86
C TYR B 429 -17.30 19.14 -12.61
N ASN B 430 -17.48 17.82 -12.67
CA ASN B 430 -18.05 17.02 -11.60
C ASN B 430 -17.02 16.40 -10.66
N ALA B 431 -15.74 16.56 -10.98
CA ALA B 431 -14.67 15.99 -10.15
C ALA B 431 -14.66 16.60 -8.75
N GLY B 432 -14.37 17.90 -8.67
CA GLY B 432 -14.33 18.55 -7.38
C GLY B 432 -15.69 18.56 -6.73
N PHE B 433 -16.71 18.77 -7.55
CA PHE B 433 -18.09 18.81 -7.09
C PHE B 433 -18.49 17.54 -6.33
N SER B 434 -18.14 16.40 -6.90
CA SER B 434 -18.48 15.12 -6.30
C SER B 434 -17.79 14.93 -4.96
N SER B 435 -16.51 15.22 -4.90
CA SER B 435 -15.74 15.08 -3.68
C SER B 435 -16.36 15.95 -2.58
N ALA B 436 -16.76 17.16 -2.93
CA ALA B 436 -17.38 18.08 -1.98
C ALA B 436 -18.70 17.48 -1.50
N LEU B 437 -19.48 16.91 -2.42
CA LEU B 437 -20.75 16.29 -2.08
C LEU B 437 -20.56 15.16 -1.08
N ALA B 438 -19.54 14.32 -1.30
CA ALA B 438 -19.28 13.20 -0.39
C ALA B 438 -18.99 13.69 1.02
N MET B 439 -18.24 14.79 1.13
CA MET B 439 -17.88 15.39 2.43
C MET B 439 -19.13 15.89 3.15
N LEU B 440 -20.05 16.46 2.37
CA LEU B 440 -21.30 16.99 2.92
C LEU B 440 -22.30 15.90 3.30
N VAL B 441 -22.28 14.77 2.59
CA VAL B 441 -23.19 13.67 2.90
C VAL B 441 -22.80 13.14 4.28
N GLU B 442 -21.50 12.98 4.50
CA GLU B 442 -20.98 12.49 5.76
C GLU B 442 -21.38 13.39 6.92
N GLU B 443 -21.37 14.70 6.68
CA GLU B 443 -21.69 15.68 7.70
C GLU B 443 -23.18 16.00 7.89
N TYR B 444 -23.86 16.36 6.81
CA TYR B 444 -25.26 16.74 6.87
C TYR B 444 -26.23 15.61 6.53
N GLY B 445 -25.72 14.50 6.04
CA GLY B 445 -26.56 13.37 5.69
C GLY B 445 -27.25 13.46 4.34
N GLY B 446 -28.33 12.69 4.20
CA GLY B 446 -29.09 12.66 2.97
C GLY B 446 -29.44 11.22 2.65
N THR B 447 -30.40 11.01 1.76
CA THR B 447 -30.81 9.67 1.38
C THR B 447 -30.98 9.52 -0.14
N PRO B 448 -30.37 8.49 -0.72
CA PRO B 448 -30.50 8.27 -2.17
C PRO B 448 -31.90 7.79 -2.54
N LEU B 449 -32.31 8.07 -3.78
CA LEU B 449 -33.62 7.66 -4.28
C LEU B 449 -33.54 6.15 -4.46
N ALA B 450 -34.64 5.46 -4.17
CA ALA B 450 -34.69 4.02 -4.34
C ALA B 450 -34.83 3.69 -5.82
N ASP B 451 -35.72 4.40 -6.51
CA ASP B 451 -35.95 4.18 -7.93
C ASP B 451 -35.13 5.11 -8.83
N PHE B 452 -33.89 4.73 -9.09
CA PHE B 452 -32.99 5.50 -9.94
C PHE B 452 -32.01 4.50 -10.52
N PRO B 453 -31.72 4.57 -11.83
CA PRO B 453 -32.21 5.54 -12.82
C PRO B 453 -33.60 5.23 -13.35
N PRO B 454 -34.40 6.27 -13.64
CA PRO B 454 -35.69 6.06 -14.29
C PRO B 454 -35.39 5.73 -15.75
N THR B 455 -36.02 4.69 -16.28
CA THR B 455 -35.78 4.32 -17.68
C THR B 455 -36.58 5.20 -18.65
N GLU B 456 -35.87 5.87 -19.55
CA GLU B 456 -36.46 6.73 -20.56
C GLU B 456 -37.21 5.95 -21.63
N GLU B 457 -38.18 6.61 -22.25
CA GLU B 457 -38.95 5.99 -23.32
C GLU B 457 -38.77 6.83 -24.57
N PRO B 458 -38.58 6.19 -25.73
CA PRO B 458 -38.44 6.89 -27.01
C PRO B 458 -39.56 7.90 -27.25
N ASP B 459 -39.24 9.01 -27.88
CA ASP B 459 -40.24 10.05 -28.17
C ASP B 459 -41.05 9.72 -29.43
N GLY B 460 -41.12 8.44 -29.74
CA GLY B 460 -41.85 7.99 -30.92
C GLY B 460 -40.98 6.93 -31.58
N PRO B 461 -41.37 6.44 -32.76
CA PRO B 461 -40.62 5.41 -33.48
C PRO B 461 -39.20 5.89 -33.73
N GLU B 462 -38.24 4.98 -33.65
CA GLU B 462 -36.85 5.36 -33.86
C GLU B 462 -36.50 5.03 -35.29
N ILE B 463 -36.71 3.77 -35.67
CA ILE B 463 -36.44 3.30 -37.01
C ILE B 463 -37.79 2.88 -37.58
N PHE B 464 -38.24 3.58 -38.60
CA PHE B 464 -39.53 3.27 -39.20
C PHE B 464 -39.55 3.57 -40.68
N VAL B 465 -40.71 3.35 -41.29
CA VAL B 465 -40.89 3.57 -42.72
C VAL B 465 -42.13 4.42 -42.92
N GLU B 466 -41.99 5.47 -43.73
CA GLU B 466 -43.10 6.35 -44.05
C GLU B 466 -43.47 6.04 -45.48
N ALA B 467 -44.69 6.38 -45.87
CA ALA B 467 -45.11 6.15 -47.25
C ALA B 467 -46.27 7.08 -47.61
N GLN B 468 -46.58 7.10 -48.89
CA GLN B 468 -47.66 7.92 -49.44
C GLN B 468 -47.85 7.47 -50.88
N ILE B 469 -49.01 7.76 -51.46
CA ILE B 469 -49.26 7.40 -52.84
C ILE B 469 -48.57 8.46 -53.70
N ASN B 470 -47.55 8.05 -54.44
CA ASN B 470 -46.77 8.95 -55.27
C ASN B 470 -47.56 9.48 -56.46
N THR B 471 -48.09 8.56 -57.27
CA THR B 471 -48.88 8.87 -58.45
C THR B 471 -50.07 7.91 -58.47
N PRO B 472 -51.29 8.44 -58.48
CA PRO B 472 -52.47 7.56 -58.50
C PRO B 472 -52.64 6.82 -59.83
N GLY B 473 -53.08 5.58 -59.76
CA GLY B 473 -53.29 4.76 -60.95
C GLY B 473 -54.28 3.64 -60.66
N THR B 474 -54.72 2.95 -61.71
CA THR B 474 -55.68 1.86 -61.55
C THR B 474 -55.11 0.49 -61.89
N THR B 475 -54.22 0.45 -62.87
CA THR B 475 -53.60 -0.80 -63.28
C THR B 475 -52.23 -0.94 -62.60
N PHE B 476 -51.99 -0.08 -61.63
CA PHE B 476 -50.74 -0.08 -60.90
C PHE B 476 -50.91 0.68 -59.59
N THR B 477 -49.87 0.66 -58.78
CA THR B 477 -49.85 1.37 -57.51
C THR B 477 -48.44 1.88 -57.35
N GLU B 478 -48.28 3.21 -57.34
CA GLU B 478 -46.95 3.79 -57.18
C GLU B 478 -46.83 4.41 -55.80
N ILE B 479 -45.84 3.93 -55.06
CA ILE B 479 -45.57 4.38 -53.69
C ILE B 479 -44.24 5.10 -53.59
N LYS B 480 -44.14 5.98 -52.60
CA LYS B 480 -42.92 6.73 -52.32
C LYS B 480 -42.65 6.48 -50.85
N ALA B 481 -41.77 5.52 -50.57
CA ALA B 481 -41.41 5.17 -49.19
C ALA B 481 -40.17 5.95 -48.74
N MET B 482 -40.12 6.21 -47.44
CA MET B 482 -39.04 6.96 -46.84
C MET B 482 -38.54 6.19 -45.61
N ILE B 483 -37.36 5.55 -45.70
CA ILE B 483 -36.82 4.85 -44.54
C ILE B 483 -36.21 5.89 -43.58
N ARG B 484 -36.52 5.80 -42.30
CA ARG B 484 -36.00 6.77 -41.34
C ARG B 484 -35.34 6.15 -40.12
N ASN B 485 -34.13 6.61 -39.81
CA ASN B 485 -33.41 6.15 -38.63
C ASN B 485 -33.14 7.40 -37.80
N GLN B 486 -33.95 7.57 -36.76
CA GLN B 486 -33.82 8.70 -35.87
C GLN B 486 -33.68 8.09 -34.48
N SER B 487 -32.95 6.97 -34.42
CA SER B 487 -32.74 6.27 -33.16
C SER B 487 -32.01 7.10 -32.12
N GLY B 488 -32.28 6.82 -30.85
CA GLY B 488 -31.65 7.54 -29.77
C GLY B 488 -31.72 6.81 -28.44
N TRP B 489 -32.08 5.52 -28.48
CA TRP B 489 -32.18 4.71 -27.26
C TRP B 489 -31.65 3.27 -27.45
N PRO B 490 -30.38 3.13 -27.82
CA PRO B 490 -29.47 4.24 -28.11
C PRO B 490 -29.45 4.45 -29.62
N ALA B 491 -28.73 5.46 -30.08
CA ALA B 491 -28.61 5.71 -31.50
C ALA B 491 -27.94 4.46 -32.05
N ARG B 492 -28.31 4.06 -33.27
CA ARG B 492 -27.73 2.86 -33.85
C ARG B 492 -27.73 2.89 -35.36
N MET B 493 -26.81 2.14 -35.93
CA MET B 493 -26.64 2.03 -37.37
C MET B 493 -27.61 1.03 -37.98
N LEU B 494 -28.07 1.32 -39.19
CA LEU B 494 -28.96 0.44 -39.92
C LEU B 494 -28.34 0.30 -41.30
N ASP B 495 -27.48 -0.71 -41.45
CA ASP B 495 -26.78 -0.95 -42.70
C ASP B 495 -27.15 -2.26 -43.40
N LYS B 496 -28.20 -2.92 -42.90
CA LYS B 496 -28.67 -4.17 -43.50
C LYS B 496 -30.20 -4.13 -43.53
N GLY B 497 -30.74 -3.00 -43.96
CA GLY B 497 -32.17 -2.82 -44.01
C GLY B 497 -32.81 -3.29 -45.31
N THR B 498 -33.97 -3.90 -45.17
CA THR B 498 -34.76 -4.39 -46.29
C THR B 498 -36.21 -4.24 -45.84
N PHE B 499 -37.14 -4.04 -46.77
CA PHE B 499 -38.52 -3.96 -46.37
C PHE B 499 -39.45 -4.69 -47.34
N ARG B 500 -40.62 -5.06 -46.84
CA ARG B 500 -41.60 -5.78 -47.66
C ARG B 500 -42.92 -5.07 -47.80
N TYR B 501 -43.54 -5.27 -48.96
CA TYR B 501 -44.82 -4.70 -49.27
C TYR B 501 -45.62 -5.88 -49.79
N TRP B 502 -46.59 -6.32 -48.98
CA TRP B 502 -47.45 -7.46 -49.30
C TRP B 502 -48.72 -7.02 -50.02
N PHE B 503 -49.11 -7.79 -51.03
CA PHE B 503 -50.30 -7.53 -51.80
C PHE B 503 -51.00 -8.84 -52.15
N THR B 504 -52.30 -8.77 -52.38
CA THR B 504 -53.10 -9.94 -52.75
C THR B 504 -53.27 -9.96 -54.28
N LEU B 505 -52.85 -11.05 -54.91
CA LEU B 505 -52.97 -11.20 -56.37
C LEU B 505 -54.47 -11.19 -56.70
N ASP B 506 -54.86 -10.39 -57.70
CA ASP B 506 -56.28 -10.31 -58.03
C ASP B 506 -56.74 -11.18 -59.19
N GLU B 507 -58.05 -11.23 -59.39
CA GLU B 507 -58.67 -12.02 -60.44
C GLU B 507 -58.27 -11.49 -61.82
N GLY B 508 -57.53 -12.30 -62.57
CA GLY B 508 -57.14 -11.88 -63.90
C GLY B 508 -55.74 -11.34 -64.01
N VAL B 509 -55.05 -11.22 -62.87
CA VAL B 509 -53.70 -10.70 -62.89
C VAL B 509 -52.71 -11.85 -62.75
N ASP B 510 -51.86 -11.98 -63.76
CA ASP B 510 -50.85 -13.01 -63.84
C ASP B 510 -49.59 -12.49 -63.12
N PRO B 511 -49.15 -13.19 -62.06
CA PRO B 511 -47.97 -12.76 -61.32
C PRO B 511 -46.75 -12.53 -62.21
N ALA B 512 -46.66 -13.31 -63.28
CA ALA B 512 -45.56 -13.20 -64.22
C ALA B 512 -45.53 -11.83 -64.89
N ASP B 513 -46.71 -11.27 -65.14
CA ASP B 513 -46.83 -9.96 -65.78
C ASP B 513 -46.62 -8.77 -64.84
N ILE B 514 -46.53 -9.03 -63.54
CA ILE B 514 -46.30 -8.00 -62.55
C ILE B 514 -44.89 -7.42 -62.67
N THR B 515 -44.79 -6.11 -62.90
CA THR B 515 -43.50 -5.44 -63.03
C THR B 515 -43.35 -4.42 -61.90
N VAL B 516 -42.15 -4.32 -61.35
CA VAL B 516 -41.83 -3.40 -60.27
C VAL B 516 -40.73 -2.48 -60.79
N SER B 517 -41.07 -1.22 -61.04
CA SER B 517 -40.11 -0.25 -61.56
C SER B 517 -39.98 0.98 -60.65
N SER B 518 -39.08 1.88 -60.99
CA SER B 518 -38.84 3.08 -60.21
C SER B 518 -38.11 4.10 -61.06
N ALA B 519 -38.36 5.37 -60.79
CA ALA B 519 -37.70 6.46 -61.50
C ALA B 519 -36.68 7.08 -60.56
N TYR B 520 -36.77 6.73 -59.27
CA TYR B 520 -35.85 7.22 -58.25
C TYR B 520 -35.90 6.24 -57.07
N ASN B 521 -34.76 5.65 -56.77
CA ASN B 521 -34.66 4.64 -55.71
C ASN B 521 -33.23 4.56 -55.21
N GLN B 522 -33.00 5.01 -53.97
CA GLN B 522 -31.65 4.97 -53.40
C GLN B 522 -31.23 3.56 -53.03
N CYS B 523 -32.18 2.63 -53.05
CA CYS B 523 -31.93 1.23 -52.73
C CYS B 523 -32.15 0.41 -54.01
N ALA B 524 -32.01 -0.92 -53.94
CA ALA B 524 -32.21 -1.73 -55.14
C ALA B 524 -33.66 -1.77 -55.60
N THR B 525 -33.84 -1.99 -56.91
CA THR B 525 -35.15 -2.11 -57.55
C THR B 525 -35.26 -3.57 -58.01
N PRO B 526 -36.20 -4.33 -57.45
CA PRO B 526 -36.33 -5.77 -57.71
C PRO B 526 -36.97 -6.12 -59.06
N GLU B 527 -36.63 -7.30 -59.56
CA GLU B 527 -37.16 -7.72 -60.85
C GLU B 527 -38.50 -8.41 -60.70
N ASP B 528 -38.62 -9.29 -59.71
CA ASP B 528 -39.86 -10.02 -59.53
C ASP B 528 -40.47 -9.93 -58.14
N VAL B 529 -41.60 -10.60 -57.98
CA VAL B 529 -42.32 -10.63 -56.72
C VAL B 529 -42.12 -12.00 -56.09
N HIS B 530 -42.49 -12.13 -54.81
CA HIS B 530 -42.35 -13.39 -54.08
C HIS B 530 -43.69 -13.90 -53.60
N HIS B 531 -43.90 -15.20 -53.75
CA HIS B 531 -45.14 -15.83 -53.32
C HIS B 531 -44.98 -16.40 -51.91
N VAL B 532 -45.96 -16.16 -51.05
CA VAL B 532 -45.96 -16.65 -49.68
C VAL B 532 -46.81 -17.92 -49.61
N SER B 533 -48.11 -17.73 -49.80
CA SER B 533 -49.08 -18.83 -49.81
C SER B 533 -50.37 -18.25 -50.39
N GLY B 534 -51.18 -19.12 -50.99
CA GLY B 534 -52.44 -18.67 -51.58
C GLY B 534 -52.25 -17.55 -52.58
N ASP B 535 -52.97 -16.45 -52.40
CA ASP B 535 -52.86 -15.31 -53.30
C ASP B 535 -52.01 -14.19 -52.71
N LEU B 536 -51.33 -14.49 -51.60
CA LEU B 536 -50.47 -13.49 -50.95
C LEU B 536 -49.06 -13.48 -51.55
N TYR B 537 -48.63 -12.30 -51.94
CA TYR B 537 -47.31 -12.07 -52.52
C TYR B 537 -46.74 -10.84 -51.84
N TYR B 538 -45.44 -10.60 -52.06
CA TYR B 538 -44.77 -9.43 -51.50
C TYR B 538 -43.58 -8.95 -52.36
N VAL B 539 -43.36 -7.64 -52.34
CA VAL B 539 -42.27 -7.00 -53.04
C VAL B 539 -41.19 -6.75 -51.98
N GLU B 540 -39.94 -7.12 -52.26
CA GLU B 540 -38.88 -6.88 -51.28
C GLU B 540 -37.84 -5.90 -51.79
N ILE B 541 -37.73 -4.77 -51.10
CA ILE B 541 -36.76 -3.73 -51.43
C ILE B 541 -35.51 -3.95 -50.56
N ASP B 542 -34.36 -4.05 -51.23
CA ASP B 542 -33.07 -4.29 -50.56
C ASP B 542 -32.24 -3.02 -50.37
N CYS B 543 -31.95 -2.67 -49.11
CA CYS B 543 -31.15 -1.48 -48.81
C CYS B 543 -29.85 -1.83 -48.11
N THR B 544 -29.53 -3.12 -48.03
CA THR B 544 -28.30 -3.55 -47.35
C THR B 544 -27.10 -2.87 -48.01
N GLY B 545 -26.17 -2.38 -47.20
CA GLY B 545 -25.00 -1.70 -47.73
C GLY B 545 -25.15 -0.22 -47.56
N GLU B 546 -26.39 0.25 -47.50
CA GLU B 546 -26.67 1.66 -47.32
C GLU B 546 -26.58 1.89 -45.82
N LYS B 547 -25.74 2.84 -45.41
CA LYS B 547 -25.59 3.14 -44.00
C LYS B 547 -26.58 4.21 -43.59
N ILE B 548 -27.71 3.78 -43.05
CA ILE B 548 -28.74 4.71 -42.61
C ILE B 548 -28.55 4.93 -41.12
N PHE B 549 -28.10 6.14 -40.74
CA PHE B 549 -27.85 6.45 -39.33
C PHE B 549 -28.20 7.90 -38.95
N PRO B 550 -28.54 8.15 -37.68
CA PRO B 550 -28.93 9.50 -37.25
C PRO B 550 -27.75 10.43 -37.10
N GLY B 551 -27.23 10.91 -38.24
CA GLY B 551 -26.10 11.83 -38.17
C GLY B 551 -26.06 12.76 -39.37
N GLY B 552 -27.25 13.16 -39.82
CA GLY B 552 -27.36 14.05 -40.96
C GLY B 552 -28.70 13.91 -41.67
N GLN B 553 -29.17 15.00 -42.26
CA GLN B 553 -30.44 15.01 -42.96
C GLN B 553 -30.50 13.95 -44.05
N SER B 554 -29.43 13.81 -44.82
CA SER B 554 -29.36 12.82 -45.89
C SER B 554 -29.04 11.44 -45.34
N GLU B 555 -28.13 11.39 -44.38
CA GLU B 555 -27.67 10.13 -43.80
C GLU B 555 -28.66 9.31 -43.01
N HIS B 556 -29.65 9.96 -42.41
CA HIS B 556 -30.63 9.23 -41.59
C HIS B 556 -31.83 8.65 -42.36
N ARG B 557 -31.82 8.76 -43.69
CA ARG B 557 -32.95 8.28 -44.48
C ARG B 557 -32.58 7.83 -45.89
N ARG B 558 -33.48 7.07 -46.51
CA ARG B 558 -33.29 6.64 -47.88
C ARG B 558 -34.66 6.75 -48.51
N GLU B 559 -34.72 7.41 -49.66
CA GLU B 559 -35.97 7.58 -50.38
C GLU B 559 -36.10 6.43 -51.36
N VAL B 560 -37.30 5.86 -51.43
CA VAL B 560 -37.57 4.75 -52.31
C VAL B 560 -38.92 4.88 -53.00
N GLN B 561 -38.90 5.18 -54.31
CA GLN B 561 -40.14 5.25 -55.05
C GLN B 561 -40.21 3.92 -55.79
N PHE B 562 -41.38 3.30 -55.81
CA PHE B 562 -41.54 2.02 -56.49
C PHE B 562 -42.96 1.84 -56.99
N ARG B 563 -43.07 1.43 -58.25
CA ARG B 563 -44.35 1.20 -58.89
C ARG B 563 -44.56 -0.29 -59.14
N ILE B 564 -45.68 -0.80 -58.66
CA ILE B 564 -46.01 -2.21 -58.89
C ILE B 564 -47.11 -2.17 -59.92
N ALA B 565 -46.75 -2.46 -61.17
CA ALA B 565 -47.71 -2.44 -62.27
C ALA B 565 -48.22 -3.85 -62.52
N GLY B 566 -49.53 -4.04 -62.33
CA GLY B 566 -50.11 -5.35 -62.55
C GLY B 566 -51.03 -5.43 -63.76
N GLY B 567 -51.30 -4.31 -64.42
CA GLY B 567 -52.18 -4.33 -65.58
C GLY B 567 -53.64 -4.25 -65.19
N PRO B 568 -54.57 -4.32 -66.16
CA PRO B 568 -56.00 -4.25 -65.85
C PRO B 568 -56.41 -5.41 -64.93
N GLY B 569 -57.20 -5.09 -63.92
CA GLY B 569 -57.61 -6.10 -62.98
C GLY B 569 -56.92 -5.86 -61.65
N TRP B 570 -55.82 -5.11 -61.69
CA TRP B 570 -55.06 -4.77 -60.48
C TRP B 570 -55.95 -4.01 -59.50
N ASP B 571 -56.00 -4.49 -58.26
CA ASP B 571 -56.84 -3.89 -57.23
C ASP B 571 -56.13 -3.79 -55.87
N PRO B 572 -55.73 -2.56 -55.50
CA PRO B 572 -54.99 -2.33 -54.25
C PRO B 572 -55.87 -2.35 -52.99
N SER B 573 -57.18 -2.39 -53.16
CA SER B 573 -58.10 -2.40 -52.03
C SER B 573 -58.00 -3.62 -51.13
N ASN B 574 -57.49 -4.72 -51.66
CA ASN B 574 -57.37 -5.94 -50.85
C ASN B 574 -55.93 -6.32 -50.51
N ASP B 575 -55.02 -5.36 -50.62
CA ASP B 575 -53.60 -5.60 -50.32
C ASP B 575 -53.27 -5.22 -48.88
N TRP B 576 -52.43 -6.02 -48.24
CA TRP B 576 -52.04 -5.78 -46.86
C TRP B 576 -51.33 -4.44 -46.65
N SER B 577 -50.16 -4.29 -47.27
CA SER B 577 -49.36 -3.08 -47.10
C SER B 577 -49.96 -1.76 -47.53
N PHE B 578 -50.99 -1.81 -48.37
CA PHE B 578 -51.67 -0.63 -48.88
C PHE B 578 -52.47 0.08 -47.78
N GLN B 579 -52.96 -0.69 -46.81
CA GLN B 579 -53.78 -0.15 -45.72
C GLN B 579 -53.20 1.08 -45.04
N GLY B 580 -54.00 2.13 -44.95
CA GLY B 580 -53.57 3.34 -44.28
C GLY B 580 -52.63 4.30 -44.97
N ILE B 581 -52.40 4.11 -46.27
CA ILE B 581 -51.52 5.00 -47.03
C ILE B 581 -52.37 6.05 -47.74
N GLY B 582 -52.11 7.31 -47.41
CA GLY B 582 -52.85 8.41 -48.02
C GLY B 582 -52.00 9.20 -49.01
N ASN B 583 -52.23 10.51 -49.05
CA ASN B 583 -51.49 11.36 -49.98
C ASN B 583 -50.37 12.11 -49.28
N GLU B 584 -50.39 12.07 -47.96
CA GLU B 584 -49.39 12.74 -47.15
C GLU B 584 -48.41 11.69 -46.62
N LEU B 585 -47.13 12.03 -46.64
CA LEU B 585 -46.11 11.12 -46.14
C LEU B 585 -46.40 10.89 -44.65
N ALA B 586 -46.56 9.63 -44.27
CA ALA B 586 -46.84 9.29 -42.87
C ALA B 586 -46.39 7.88 -42.58
N PRO B 587 -46.16 7.53 -41.30
CA PRO B 587 -45.72 6.18 -40.93
C PRO B 587 -46.68 5.14 -41.51
N ALA B 588 -46.12 4.10 -42.13
CA ALA B 588 -46.91 3.03 -42.74
C ALA B 588 -46.75 1.77 -41.89
N PRO B 589 -47.76 1.44 -41.08
CA PRO B 589 -47.62 0.34 -40.13
C PRO B 589 -47.64 -1.05 -40.75
N TYR B 590 -48.07 -1.15 -42.01
CA TYR B 590 -48.17 -2.47 -42.66
C TYR B 590 -47.07 -2.78 -43.66
N ILE B 591 -46.01 -1.98 -43.64
CA ILE B 591 -44.85 -2.20 -44.49
C ILE B 591 -43.81 -2.59 -43.44
N VAL B 592 -43.41 -3.84 -43.44
CA VAL B 592 -42.46 -4.31 -42.46
C VAL B 592 -41.02 -4.04 -42.86
N LEU B 593 -40.27 -3.46 -41.93
CA LEU B 593 -38.86 -3.13 -42.11
C LEU B 593 -38.04 -4.16 -41.34
N TYR B 594 -36.95 -4.61 -41.93
CA TYR B 594 -36.08 -5.59 -41.31
C TYR B 594 -34.67 -5.07 -41.15
N ASP B 595 -34.00 -5.53 -40.11
CA ASP B 595 -32.63 -5.18 -39.87
C ASP B 595 -31.98 -6.55 -39.93
N ASP B 596 -31.42 -6.86 -41.09
CA ASP B 596 -30.75 -8.13 -41.34
C ASP B 596 -31.70 -9.31 -41.10
N GLY B 597 -32.96 -9.15 -41.49
CA GLY B 597 -33.91 -10.21 -41.31
C GLY B 597 -34.78 -10.08 -40.10
N VAL B 598 -34.38 -9.26 -39.13
CA VAL B 598 -35.19 -9.07 -37.93
C VAL B 598 -36.13 -7.87 -38.07
N PRO B 599 -37.43 -8.09 -37.85
CA PRO B 599 -38.46 -7.04 -37.92
C PRO B 599 -38.24 -5.93 -36.90
N VAL B 600 -38.15 -4.70 -37.39
CA VAL B 600 -37.94 -3.54 -36.54
C VAL B 600 -39.16 -2.62 -36.57
N TRP B 601 -39.99 -2.75 -37.60
CA TRP B 601 -41.17 -1.90 -37.74
C TRP B 601 -42.33 -2.57 -38.48
N GLY B 602 -43.55 -2.20 -38.11
CA GLY B 602 -44.73 -2.75 -38.77
C GLY B 602 -45.15 -4.16 -38.40
N THR B 603 -46.33 -4.54 -38.90
CA THR B 603 -46.89 -5.86 -38.64
C THR B 603 -47.09 -6.63 -39.94
N ALA B 604 -46.54 -7.83 -40.00
CA ALA B 604 -46.67 -8.70 -41.16
C ALA B 604 -48.05 -9.35 -41.20
N PRO B 605 -48.48 -9.82 -42.38
CA PRO B 605 -49.77 -10.52 -42.55
C PRO B 605 -49.72 -11.89 -41.87
C1 GLC C . 19.17 -2.04 19.26
C2 GLC C . 19.04 -0.71 18.53
C3 GLC C . 20.07 -0.60 17.40
C4 GLC C . 21.49 -0.92 17.91
C5 GLC C . 21.48 -2.26 18.66
C6 GLC C . 22.82 -2.53 19.32
O1 GLC C . 18.70 -3.07 18.43
O2 GLC C . 17.74 -0.61 17.99
O3 GLC C . 20.03 0.72 16.86
O4 GLC C . 22.40 -1.03 16.79
O5 GLC C . 20.49 -2.25 19.71
O6 GLC C . 23.09 -1.57 20.33
C2 BGC C . 24.45 -0.39 15.71
C3 BGC C . 25.38 0.76 15.35
C4 BGC C . 24.55 1.95 14.88
C5 BGC C . 23.56 2.31 15.98
C6 BGC C . 22.66 3.45 15.55
C1 BGC C . 23.37 0.03 16.71
O2 BGC C . 25.23 -1.44 16.25
O3 BGC C . 26.26 0.35 14.32
O4 BGC C . 25.39 3.07 14.58
O5 BGC C . 22.67 1.20 16.27
O6 BGC C . 21.83 3.06 14.49
C2 BGC C . 26.13 4.70 12.97
C3 BGC C . 26.32 4.98 11.49
C4 BGC C . 27.15 3.86 10.83
C5 BGC C . 26.56 2.49 11.17
C6 BGC C . 27.40 1.33 10.67
C1 BGC C . 25.53 3.33 13.17
O2 BGC C . 25.26 5.68 13.51
O3 BGC C . 26.96 6.23 11.32
O4 BGC C . 27.11 4.05 9.40
O5 BGC C . 26.41 2.33 12.60
O6 BGC C . 28.74 1.36 11.17
C2 BGC C . 28.28 4.04 7.30
C3 BGC C . 29.62 4.34 6.64
C4 BGC C . 30.06 5.77 6.98
C5 BGC C . 30.08 5.95 8.51
C6 BGC C . 30.43 7.35 8.95
C1 BGC C . 28.40 4.27 8.80
O2 BGC C . 27.90 2.70 7.03
O3 BGC C . 29.51 4.20 5.23
O4 BGC C . 31.36 6.00 6.45
O5 BGC C . 28.78 5.62 9.07
O6 BGC C . 29.48 8.30 8.51
C2 BGC D . 14.20 4.24 25.90
C3 BGC D . 14.51 3.03 25.03
C4 BGC D . 15.55 2.14 25.71
C5 BGC D . 15.08 1.78 27.12
C6 BGC D . 16.11 0.96 27.88
C1 BGC D . 13.80 3.78 27.30
O1 BGC D . 13.62 4.89 28.11
O2 BGC D . 13.14 4.98 25.32
O3 BGC D . 15.01 3.47 23.77
O4 BGC D . 15.68 0.93 24.95
O5 BGC D . 14.82 2.97 27.88
O6 BGC D . 17.39 1.57 27.86
C2 BGC D . 17.08 -0.68 23.88
C3 BGC D . 18.39 -0.90 23.16
C4 BGC D . 18.60 0.17 22.08
C5 BGC D . 18.49 1.55 22.72
C6 BGC D . 18.64 2.69 21.71
C1 BGC D . 17.00 0.75 24.42
O2 BGC D . 16.98 -1.60 24.93
O3 BGC D . 18.37 -2.19 22.56
O4 BGC D . 19.88 0.02 21.50
O5 BGC D . 17.21 1.72 23.37
O6 BGC D . 17.77 2.51 20.60
C1 GLC E . -14.38 20.90 -24.94
C2 GLC E . -13.27 21.89 -25.29
C3 GLC E . -12.41 22.18 -24.06
C4 GLC E . -13.29 22.67 -22.89
C5 GLC E . -14.42 21.66 -22.64
C6 GLC E . -15.42 22.18 -21.64
O1 GLC E . -13.82 19.64 -24.70
O2 GLC E . -12.45 21.37 -26.33
O3 GLC E . -11.44 23.16 -24.40
O4 GLC E . -12.49 22.78 -21.68
O5 GLC E . -15.16 21.38 -23.86
O6 GLC E . -16.14 23.27 -22.19
C2 BGC E . -11.83 24.06 -19.76
C3 BGC E . -11.45 25.43 -19.24
C4 BGC E . -10.40 26.03 -20.17
C5 BGC E . -10.97 26.08 -21.59
C6 BGC E . -9.93 26.58 -22.58
C1 BGC E . -12.34 24.12 -21.20
O2 BGC E . -12.81 23.49 -18.91
O3 BGC E . -10.92 25.32 -17.93
O4 BGC E . -10.04 27.36 -19.74
O5 BGC E . -11.37 24.76 -22.05
O6 BGC E . -8.87 25.65 -22.73
C2 BGC E . -8.20 28.90 -19.29
C3 BGC E . -6.78 28.99 -18.73
C4 BGC E . -6.67 28.29 -17.38
C5 BGC E . -7.25 26.87 -17.47
C6 BGC E . -7.28 26.11 -16.16
C1 BGC E . -8.67 27.44 -19.30
O2 BGC E . -8.20 29.40 -20.62
O3 BGC E . -6.40 30.35 -18.60
O4 BGC E . -5.28 28.21 -16.99
O5 BGC E . -8.60 26.91 -17.97
O6 BGC E . -8.16 26.72 -15.22
C2 BGC E . -3.60 28.49 -15.30
C3 BGC E . -3.28 29.26 -14.02
C4 BGC E . -3.33 30.76 -14.33
C5 BGC E . -4.70 31.13 -14.93
C6 BGC E . -4.75 32.57 -15.40
C1 BGC E . -4.99 28.90 -15.78
O2 BGC E . -3.56 27.10 -15.06
O3 BGC E . -1.99 28.90 -13.55
O4 BGC E . -3.12 31.49 -13.12
O5 BGC E . -4.99 30.31 -16.07
O6 BGC E . -3.96 32.76 -16.57
C2 BGC F . -17.50 24.98 -33.87
C3 BGC F . -17.13 23.90 -32.86
C4 BGC F . -18.29 23.68 -31.87
C5 BGC F . -19.59 23.42 -32.63
C6 BGC F . -20.80 23.25 -31.73
C1 BGC F . -18.82 24.61 -34.53
O1 BGC F . -19.18 25.59 -35.44
O2 BGC F . -16.48 25.09 -34.84
O3 BGC F . -15.96 24.30 -32.15
O4 BGC F . -18.00 22.54 -31.03
O5 BGC F . -19.85 24.50 -33.54
O6 BGC F . -21.00 24.39 -30.90
C2 BGC F . -17.76 21.63 -28.81
C3 BGC F . -17.48 21.96 -27.36
C4 BGC F . -16.25 22.86 -27.26
C5 BGC F . -16.39 24.08 -28.16
C6 BGC F . -15.16 24.98 -28.16
C1 BGC F . -17.84 22.89 -29.65
O2 BGC F . -18.99 20.91 -28.91
O3 BGC F . -17.25 20.75 -26.64
O4 BGC F . -16.09 23.28 -25.91
O5 BGC F . -16.63 23.66 -29.52
O6 BGC F . -13.99 24.28 -28.55
CA CA G . 25.03 -0.38 2.29
CA CA H . -9.24 -25.71 63.01
CA CA I . 0.49 22.10 -14.49
CA CA J . -54.85 -6.83 -54.76
#